data_4X9B
#
_entry.id   4X9B
#
_cell.length_a   88.902
_cell.length_b   59.815
_cell.length_c   89.560
_cell.angle_alpha   90.00
_cell.angle_beta   109.06
_cell.angle_gamma   90.00
#
_symmetry.space_group_name_H-M   'P 1 21 1'
#
loop_
_entity.id
_entity.type
_entity.pdbx_description
1 polymer 'Down syndrome cell adhesion molecule, isoform 4.44'
2 branched alpha-D-mannopyranose-(1-6)-beta-D-mannopyranose-(1-4)-2-acetamido-2-deoxy-beta-D-glucopyranose-(1-4)-2-acetamido-2-deoxy-beta-D-glucopyranose
3 branched beta-D-mannopyranose-(1-4)-2-acetamido-2-deoxy-beta-D-glucopyranose-(1-4)-2-acetamido-2-deoxy-beta-D-glucopyranose
4 non-polymer 2-acetamido-2-deoxy-beta-D-glucopyranose
5 non-polymer 'SODIUM ION'
6 water water
#
_entity_poly.entity_id   1
_entity_poly.type   'polypeptide(L)'
_entity_poly.pdbx_seq_one_letter_code
;GGADQKGPVFLKEPTNRIDFSNSTGAEIECKASGNPMPEIIWIRSDGTAVGDVPGLRQISSDGKLVFPPFRAEDYRQEVH
AQVYACLARNQFGSIISRDVHVRAVVQQFYESEVNNEYVIRGNAAVLKCSIPSFVADFVQVVSWQDEEGQLYGSLGDQQG
TDGKYLVLPSGELHIREVGPEDGYKSYQCRTKHRLTGETRLSATKGRLVITEPVGSKAPTFATASKISSLLGSSSSDIVL
LCQAQAFPVPYTRWYKFIEGTTRKQAVVLNDRVKQVSGTLIIKDAVVEDSGKYLCVVNNSVGGESVETVLTVTAPLSAKI
DPPTQTVDFGRPAVFTCQYTGNPIKTVSWMKDGKAIGHSEPVLRIESVKKEDKGMYQCFVRNDQESAEASAELKLGG
;
_entity_poly.pdbx_strand_id   A,B
#
# COMPACT_ATOMS: atom_id res chain seq x y z
N GLN A 5 11.13 -39.05 38.06
CA GLN A 5 9.65 -39.02 38.00
C GLN A 5 9.14 -38.12 36.87
N LYS A 6 9.61 -36.87 36.80
CA LYS A 6 9.02 -35.91 35.86
C LYS A 6 9.98 -34.91 35.24
N GLY A 7 9.80 -34.68 33.94
CA GLY A 7 10.59 -33.72 33.18
C GLY A 7 10.18 -32.29 33.47
N PRO A 8 10.92 -31.34 32.89
CA PRO A 8 10.63 -29.94 33.19
C PRO A 8 9.35 -29.45 32.54
N VAL A 9 8.67 -28.53 33.20
CA VAL A 9 7.53 -27.83 32.59
C VAL A 9 7.47 -26.42 33.16
N PHE A 10 7.16 -25.45 32.29
CA PHE A 10 7.09 -24.06 32.74
C PHE A 10 5.83 -23.82 33.56
N LEU A 11 6.04 -23.30 34.77
CA LEU A 11 4.95 -22.76 35.57
C LEU A 11 4.63 -21.35 35.11
N LYS A 12 5.70 -20.59 34.86
CA LYS A 12 5.58 -19.26 34.29
C LYS A 12 6.59 -19.09 33.16
N GLU A 13 6.11 -18.92 31.94
CA GLU A 13 6.95 -18.55 30.82
C GLU A 13 7.16 -17.05 30.82
N PRO A 14 8.35 -16.60 30.40
CA PRO A 14 8.47 -15.17 30.14
C PRO A 14 7.59 -14.74 28.97
N THR A 15 7.16 -13.49 28.98
CA THR A 15 6.28 -12.98 27.93
C THR A 15 7.01 -12.76 26.63
N ASN A 16 6.22 -12.69 25.58
CA ASN A 16 6.70 -12.48 24.23
C ASN A 16 7.55 -11.22 24.03
N ARG A 17 7.14 -10.13 24.66
CA ARG A 17 7.69 -8.79 24.40
C ARG A 17 7.97 -8.04 25.70
N ILE A 18 9.22 -7.64 25.92
CA ILE A 18 9.53 -6.72 27.02
C ILE A 18 10.18 -5.44 26.47
N ASP A 19 9.43 -4.36 26.51
CA ASP A 19 9.92 -3.03 26.13
C ASP A 19 10.06 -2.20 27.38
N PHE A 20 11.22 -1.59 27.60
CA PHE A 20 11.42 -0.78 28.80
C PHE A 20 12.42 0.37 28.61
N SER A 21 12.16 1.46 29.34
CA SER A 21 13.04 2.61 29.34
C SER A 21 14.33 2.29 30.09
N ASN A 22 15.43 2.82 29.60
CA ASN A 22 16.70 2.69 30.29
C ASN A 22 16.65 3.17 31.74
N SER A 23 15.72 4.08 32.04
CA SER A 23 15.57 4.61 33.40
C SER A 23 14.77 3.68 34.31
N THR A 24 13.95 2.83 33.70
CA THR A 24 13.16 1.85 34.43
C THR A 24 13.91 0.57 34.77
N GLY A 25 14.67 0.07 33.79
CA GLY A 25 15.15 -1.30 33.84
C GLY A 25 13.99 -2.25 33.58
N ALA A 26 14.25 -3.55 33.68
CA ALA A 26 13.20 -4.54 33.54
C ALA A 26 13.54 -5.82 34.28
N GLU A 27 12.51 -6.60 34.59
CA GLU A 27 12.66 -7.92 35.17
C GLU A 27 11.82 -8.90 34.37
N ILE A 28 12.37 -10.09 34.15
CA ILE A 28 11.69 -11.15 33.41
C ILE A 28 11.79 -12.46 34.18
N GLU A 29 10.65 -13.08 34.45
CA GLU A 29 10.62 -14.32 35.21
C GLU A 29 10.59 -15.54 34.31
N CYS A 30 11.31 -16.57 34.71
CA CYS A 30 11.16 -17.90 34.14
C CYS A 30 11.14 -18.88 35.28
N LYS A 31 10.01 -19.56 35.45
CA LYS A 31 9.89 -20.53 36.53
C LYS A 31 9.37 -21.83 35.98
N ALA A 32 10.18 -22.89 36.13
CA ALA A 32 9.82 -24.22 35.67
C ALA A 32 9.92 -25.21 36.82
N SER A 33 9.10 -26.25 36.78
CA SER A 33 9.10 -27.26 37.82
C SER A 33 9.54 -28.61 37.26
N GLY A 34 9.65 -29.60 38.14
CA GLY A 34 10.08 -30.92 37.74
C GLY A 34 10.65 -31.72 38.90
N ASN A 35 10.90 -33.00 38.66
CA ASN A 35 11.41 -33.91 39.69
C ASN A 35 12.53 -34.79 39.14
N PRO A 36 13.80 -34.38 39.29
CA PRO A 36 14.35 -33.26 40.07
C PRO A 36 13.99 -31.88 39.55
N MET A 37 13.98 -30.89 40.45
CA MET A 37 13.79 -29.50 40.05
C MET A 37 14.80 -29.12 38.97
N PRO A 38 14.33 -28.43 37.93
CA PRO A 38 15.22 -28.14 36.80
C PRO A 38 16.20 -27.00 37.05
N GLU A 39 17.29 -27.05 36.31
CA GLU A 39 18.25 -25.96 36.22
C GLU A 39 17.77 -25.00 35.12
N ILE A 40 17.94 -23.70 35.34
CA ILE A 40 17.49 -22.69 34.38
C ILE A 40 18.69 -22.04 33.70
N ILE A 41 18.66 -22.01 32.36
CA ILE A 41 19.66 -21.32 31.56
C ILE A 41 18.99 -20.35 30.62
N TRP A 42 19.50 -19.12 30.57
CA TRP A 42 19.04 -18.14 29.58
C TRP A 42 19.94 -18.13 28.36
N ILE A 43 19.36 -17.95 27.19
CA ILE A 43 20.12 -17.82 25.94
C ILE A 43 19.68 -16.59 25.17
N ARG A 44 20.59 -16.03 24.39
CA ARG A 44 20.32 -14.80 23.63
C ARG A 44 20.12 -15.10 22.15
N SER A 45 19.96 -14.04 21.35
CA SER A 45 19.60 -14.15 19.94
C SER A 45 20.42 -15.16 19.15
N ASP A 46 21.74 -15.20 19.40
CA ASP A 46 22.62 -16.06 18.61
C ASP A 46 22.68 -17.49 19.15
N GLY A 47 21.90 -17.76 20.21
CA GLY A 47 21.80 -19.10 20.75
C GLY A 47 22.72 -19.38 21.92
N THR A 48 23.67 -18.48 22.18
CA THR A 48 24.64 -18.71 23.25
C THR A 48 24.05 -18.40 24.62
N ALA A 49 24.43 -19.21 25.62
CA ALA A 49 23.99 -18.99 26.99
C ALA A 49 24.61 -17.72 27.58
N VAL A 50 23.87 -17.07 28.46
CA VAL A 50 24.26 -15.76 28.99
C VAL A 50 24.30 -15.74 30.52
N GLY A 51 25.33 -15.09 31.02
CA GLY A 51 25.48 -14.78 32.43
C GLY A 51 25.39 -13.29 32.73
N ASP A 52 25.99 -12.92 33.85
CA ASP A 52 26.04 -11.54 34.29
C ASP A 52 26.86 -10.64 33.37
N VAL A 53 26.38 -9.40 33.23
CA VAL A 53 27.10 -8.32 32.58
C VAL A 53 27.04 -7.14 33.55
N PRO A 54 28.10 -6.94 34.36
CA PRO A 54 28.00 -5.98 35.49
C PRO A 54 27.37 -4.64 35.09
N GLY A 55 26.44 -4.18 35.90
CA GLY A 55 25.70 -2.94 35.66
C GLY A 55 24.55 -3.04 34.67
N LEU A 56 24.51 -4.13 33.92
CA LEU A 56 23.65 -4.25 32.74
C LEU A 56 22.72 -5.48 32.78
N ARG A 57 23.28 -6.68 32.91
CA ARG A 57 22.47 -7.89 32.95
C ARG A 57 22.81 -8.76 34.15
N GLN A 58 21.79 -9.22 34.86
CA GLN A 58 21.93 -10.10 36.02
C GLN A 58 20.84 -11.19 36.07
N ILE A 59 21.25 -12.39 36.44
CA ILE A 59 20.34 -13.51 36.65
C ILE A 59 20.43 -13.96 38.12
N SER A 60 19.28 -14.06 38.78
CA SER A 60 19.26 -14.49 40.17
C SER A 60 18.99 -15.99 40.25
N SER A 61 18.98 -16.53 41.46
CA SER A 61 18.90 -17.98 41.65
C SER A 61 17.51 -18.55 41.32
N ASP A 62 16.52 -17.67 41.20
CA ASP A 62 15.16 -18.08 40.87
C ASP A 62 14.94 -18.05 39.35
N GLY A 63 16.00 -17.79 38.60
CA GLY A 63 15.95 -17.82 37.14
C GLY A 63 15.50 -16.50 36.54
N LYS A 64 15.35 -15.49 37.38
CA LYS A 64 14.85 -14.20 36.94
C LYS A 64 15.96 -13.43 36.20
N LEU A 65 15.64 -12.96 35.01
CA LEU A 65 16.54 -12.14 34.22
C LEU A 65 16.24 -10.67 34.47
N VAL A 66 17.26 -9.94 34.92
CA VAL A 66 17.10 -8.54 35.32
C VAL A 66 18.00 -7.62 34.50
N PHE A 67 17.42 -6.53 34.01
CA PHE A 67 18.15 -5.46 33.39
C PHE A 67 18.02 -4.21 34.26
N PRO A 68 19.10 -3.82 34.95
CA PRO A 68 19.02 -2.59 35.77
C PRO A 68 18.88 -1.32 34.93
N PRO A 69 18.32 -0.26 35.51
CA PRO A 69 18.34 1.00 34.75
C PRO A 69 19.77 1.38 34.39
N PHE A 70 19.97 1.98 33.22
CA PHE A 70 21.32 2.23 32.74
C PHE A 70 21.41 3.55 31.98
N ARG A 71 22.63 4.06 31.89
CA ARG A 71 22.94 5.29 31.17
C ARG A 71 23.03 5.02 29.68
N ALA A 72 22.61 6.00 28.88
CA ALA A 72 22.59 5.86 27.43
C ALA A 72 23.95 5.42 26.92
N GLU A 73 25.00 5.88 27.58
CA GLU A 73 26.37 5.56 27.19
C GLU A 73 26.65 4.06 27.33
N ASP A 74 25.91 3.40 28.21
CA ASP A 74 26.15 2.01 28.53
C ASP A 74 25.27 1.04 27.73
N TYR A 75 24.48 1.58 26.81
CA TYR A 75 23.65 0.74 25.96
C TYR A 75 24.50 -0.22 25.13
N ARG A 76 24.10 -1.48 25.11
CA ARG A 76 24.75 -2.49 24.29
C ARG A 76 23.72 -3.34 23.56
N GLN A 77 23.85 -3.37 22.24
CA GLN A 77 22.89 -4.05 21.39
C GLN A 77 22.82 -5.56 21.65
N GLU A 78 23.96 -6.18 21.95
CA GLU A 78 24.02 -7.62 22.19
C GLU A 78 23.42 -7.98 23.55
N VAL A 79 23.11 -6.97 24.35
CA VAL A 79 22.45 -7.13 25.64
C VAL A 79 21.00 -6.64 25.53
N HIS A 80 20.87 -5.36 25.19
CA HIS A 80 19.60 -4.65 25.23
C HIS A 80 18.64 -4.82 24.07
N ALA A 81 19.12 -5.11 22.86
CA ALA A 81 18.22 -5.49 21.78
C ALA A 81 18.44 -6.94 21.36
N GLN A 82 17.57 -7.82 21.81
CA GLN A 82 17.87 -9.24 21.75
C GLN A 82 16.59 -10.04 21.84
N VAL A 83 16.61 -11.26 21.31
CA VAL A 83 15.53 -12.20 21.56
C VAL A 83 16.11 -13.26 22.47
N TYR A 84 15.67 -13.25 23.72
CA TYR A 84 16.17 -14.22 24.68
C TYR A 84 15.26 -15.44 24.72
N ALA A 85 15.67 -16.46 25.47
CA ALA A 85 14.83 -17.62 25.73
C ALA A 85 15.28 -18.24 27.03
N CYS A 86 14.32 -18.81 27.77
CA CYS A 86 14.62 -19.55 28.98
C CYS A 86 14.68 -21.05 28.67
N LEU A 87 15.71 -21.71 29.18
CA LEU A 87 15.87 -23.15 29.03
C LEU A 87 15.83 -23.80 30.41
N ALA A 88 14.94 -24.77 30.59
CA ALA A 88 14.86 -25.54 31.82
C ALA A 88 15.19 -26.99 31.53
N ARG A 89 16.09 -27.56 32.33
CA ARG A 89 16.51 -28.94 32.11
C ARG A 89 16.79 -29.67 33.41
N ASN A 90 16.43 -30.95 33.42
CA ASN A 90 16.84 -31.88 34.47
C ASN A 90 17.32 -33.16 33.79
N GLN A 91 17.58 -34.19 34.57
CA GLN A 91 18.19 -35.40 34.00
C GLN A 91 17.31 -36.03 32.93
N PHE A 92 16.01 -35.72 32.95
CA PHE A 92 15.08 -36.29 31.98
C PHE A 92 15.08 -35.57 30.63
N GLY A 93 15.31 -34.27 30.60
CA GLY A 93 15.39 -33.57 29.33
C GLY A 93 15.29 -32.07 29.41
N SER A 94 15.27 -31.42 28.25
CA SER A 94 15.30 -29.98 28.16
C SER A 94 14.10 -29.42 27.40
N ILE A 95 13.59 -28.28 27.88
CA ILE A 95 12.58 -27.50 27.17
C ILE A 95 13.03 -26.06 27.06
N ILE A 96 12.72 -25.45 25.91
CA ILE A 96 13.04 -24.05 25.63
C ILE A 96 11.74 -23.26 25.62
N SER A 97 11.75 -22.07 26.21
CA SER A 97 10.56 -21.23 26.25
C SER A 97 10.32 -20.58 24.90
N ARG A 98 9.21 -19.88 24.80
CA ARG A 98 8.93 -19.06 23.64
C ARG A 98 9.91 -17.90 23.60
N ASP A 99 10.05 -17.30 22.42
CA ASP A 99 10.90 -16.13 22.24
C ASP A 99 10.53 -15.01 23.19
N VAL A 100 11.54 -14.43 23.81
CA VAL A 100 11.37 -13.25 24.64
C VAL A 100 12.07 -12.08 23.94
N HIS A 101 11.29 -11.14 23.42
CA HIS A 101 11.89 -10.02 22.72
C HIS A 101 12.17 -8.90 23.73
N VAL A 102 13.45 -8.63 23.94
CA VAL A 102 13.87 -7.62 24.89
C VAL A 102 14.30 -6.42 24.09
N ARG A 103 13.67 -5.29 24.37
CA ARG A 103 14.05 -4.05 23.74
C ARG A 103 14.14 -2.95 24.79
N ALA A 104 15.35 -2.47 25.02
CA ALA A 104 15.53 -1.30 25.88
C ALA A 104 15.47 -0.06 25.01
N VAL A 105 14.82 0.97 25.53
CA VAL A 105 14.66 2.21 24.81
C VAL A 105 15.27 3.34 25.62
N VAL A 106 16.32 3.95 25.07
CA VAL A 106 16.94 5.09 25.73
C VAL A 106 16.06 6.31 25.53
N GLN A 107 15.78 7.02 26.62
CA GLN A 107 14.91 8.17 26.55
C GLN A 107 15.47 9.17 25.53
N GLN A 108 14.62 9.55 24.58
CA GLN A 108 15.00 10.49 23.53
C GLN A 108 13.79 11.31 23.06
N PHE A 109 13.98 12.60 22.80
CA PHE A 109 12.87 13.45 22.37
C PHE A 109 12.44 13.10 20.94
N TYR A 110 11.18 13.41 20.63
CA TYR A 110 10.61 13.17 19.31
C TYR A 110 9.56 14.26 19.04
N GLU A 111 9.26 14.52 17.77
CA GLU A 111 8.13 15.41 17.43
C GLU A 111 7.03 14.67 16.67
N SER A 112 5.79 15.05 16.96
CA SER A 112 4.66 14.66 16.11
C SER A 112 4.26 15.90 15.33
N GLU A 113 3.72 15.70 14.14
CA GLU A 113 3.24 16.79 13.31
C GLU A 113 1.83 16.54 12.77
N VAL A 114 1.07 17.62 12.58
CA VAL A 114 -0.20 17.57 11.87
C VAL A 114 -0.05 18.35 10.56
N ASN A 115 -0.06 17.63 9.44
CA ASN A 115 0.01 18.24 8.12
C ASN A 115 -1.36 18.76 7.67
N ASN A 116 -1.36 19.74 6.78
CA ASN A 116 -2.59 20.24 6.22
C ASN A 116 -3.23 19.19 5.34
N GLU A 117 -4.54 19.30 5.16
CA GLU A 117 -5.29 18.38 4.32
C GLU A 117 -6.13 19.18 3.34
N TYR A 118 -6.05 18.80 2.07
CA TYR A 118 -6.77 19.49 1.01
C TYR A 118 -8.04 18.74 0.60
N VAL A 119 -9.18 19.40 0.71
CA VAL A 119 -10.48 18.74 0.50
C VAL A 119 -11.50 19.59 -0.27
N ILE A 120 -12.33 18.93 -1.06
CA ILE A 120 -13.43 19.59 -1.76
C ILE A 120 -14.57 19.77 -0.78
N ARG A 121 -15.25 20.91 -0.85
CA ARG A 121 -16.35 21.23 0.06
C ARG A 121 -17.40 20.12 0.09
N GLY A 122 -17.86 19.78 1.30
CA GLY A 122 -18.91 18.79 1.48
C GLY A 122 -18.40 17.37 1.69
N ASN A 123 -17.17 17.11 1.25
CA ASN A 123 -16.54 15.83 1.51
C ASN A 123 -16.10 15.74 2.96
N ALA A 124 -15.88 14.53 3.45
CA ALA A 124 -15.27 14.32 4.76
C ALA A 124 -13.77 14.54 4.66
N ALA A 125 -13.15 14.85 5.80
CA ALA A 125 -11.70 15.02 5.87
C ALA A 125 -11.12 14.22 7.03
N VAL A 126 -9.87 13.81 6.88
CA VAL A 126 -9.16 13.08 7.91
C VAL A 126 -7.80 13.73 8.20
N LEU A 127 -7.62 14.21 9.43
CA LEU A 127 -6.35 14.79 9.85
C LEU A 127 -5.53 13.72 10.55
N LYS A 128 -4.28 13.57 10.14
CA LYS A 128 -3.42 12.55 10.72
C LYS A 128 -2.37 13.15 11.65
N CYS A 129 -2.08 12.41 12.71
CA CYS A 129 -0.99 12.74 13.59
C CYS A 129 0.23 11.98 13.09
N SER A 130 1.20 12.70 12.52
CA SER A 130 2.36 12.02 11.93
C SER A 130 3.41 11.84 12.99
N ILE A 131 3.63 10.57 13.31
CA ILE A 131 4.61 10.12 14.29
C ILE A 131 5.75 9.41 13.56
N PRO A 132 7.00 9.83 13.78
CA PRO A 132 8.10 9.12 13.11
C PRO A 132 8.03 7.60 13.30
N SER A 133 8.31 6.86 12.25
CA SER A 133 8.16 5.41 12.27
C SER A 133 9.02 4.75 13.34
N PHE A 134 10.15 5.35 13.68
CA PHE A 134 11.07 4.67 14.59
C PHE A 134 10.66 4.83 16.05
N VAL A 135 9.82 5.81 16.37
CA VAL A 135 9.18 5.84 17.69
C VAL A 135 7.73 5.34 17.68
N ALA A 136 7.23 4.98 16.52
CA ALA A 136 5.79 4.81 16.34
C ALA A 136 5.14 3.76 17.23
N ASP A 137 5.87 2.73 17.68
CA ASP A 137 5.18 1.71 18.47
C ASP A 137 5.24 2.00 19.97
N PHE A 138 5.95 3.06 20.36
CA PHE A 138 5.85 3.56 21.72
C PHE A 138 4.88 4.73 21.90
N VAL A 139 4.42 5.33 20.81
CA VAL A 139 3.75 6.63 20.87
C VAL A 139 2.31 6.51 20.40
N GLN A 140 1.38 6.83 21.30
CA GLN A 140 -0.05 6.75 21.01
C GLN A 140 -0.73 8.12 21.06
N VAL A 141 -1.70 8.32 20.18
CA VAL A 141 -2.50 9.54 20.21
C VAL A 141 -3.43 9.47 21.40
N VAL A 142 -3.58 10.61 22.08
CA VAL A 142 -4.35 10.71 23.31
C VAL A 142 -5.58 11.59 23.05
N SER A 143 -5.33 12.82 22.64
CA SER A 143 -6.41 13.70 22.28
C SER A 143 -6.03 14.58 21.11
N TRP A 144 -6.98 15.40 20.67
CA TRP A 144 -6.71 16.44 19.70
C TRP A 144 -7.08 17.78 20.31
N GLN A 145 -6.46 18.84 19.80
CA GLN A 145 -6.65 20.17 20.37
C GLN A 145 -6.75 21.18 19.25
N ASP A 146 -7.77 22.04 19.28
CA ASP A 146 -7.92 23.07 18.25
C ASP A 146 -7.35 24.41 18.72
N GLU A 147 -7.41 25.40 17.85
CA GLU A 147 -6.81 26.71 18.07
C GLU A 147 -7.35 27.47 19.30
N GLU A 148 -8.54 27.11 19.76
CA GLU A 148 -9.11 27.74 20.96
C GLU A 148 -8.83 26.91 22.21
N GLY A 149 -8.08 25.83 22.05
CA GLY A 149 -7.70 24.99 23.16
C GLY A 149 -8.73 23.94 23.55
N GLN A 150 -9.75 23.74 22.71
CA GLN A 150 -10.77 22.75 23.01
C GLN A 150 -10.24 21.34 22.73
N LEU A 151 -10.62 20.41 23.58
CA LEU A 151 -10.16 19.02 23.50
C LEU A 151 -11.16 18.13 22.78
N TYR A 152 -10.64 17.32 21.85
CA TYR A 152 -11.43 16.31 21.17
C TYR A 152 -10.88 14.91 21.50
N GLY A 153 -11.78 14.00 21.84
CA GLY A 153 -11.42 12.60 22.02
C GLY A 153 -10.97 12.23 23.43
N SER A 154 -11.10 13.15 24.38
CA SER A 154 -10.53 12.94 25.71
C SER A 154 -11.49 12.30 26.70
N LEU A 155 -12.76 12.15 26.31
CA LEU A 155 -13.78 11.55 27.18
C LEU A 155 -14.22 10.16 26.70
N GLY A 156 -14.33 9.20 27.62
CA GLY A 156 -14.76 7.85 27.27
C GLY A 156 -13.67 7.02 26.61
N ASP A 157 -13.84 5.69 26.60
CA ASP A 157 -12.98 4.81 25.81
C ASP A 157 -13.63 4.40 24.47
N GLN A 158 -14.85 4.87 24.22
CA GLN A 158 -15.45 4.76 22.90
C GLN A 158 -16.14 6.07 22.56
N GLN A 159 -16.05 6.46 21.29
CA GLN A 159 -16.49 7.78 20.85
C GLN A 159 -17.80 7.69 20.09
N GLY A 160 -18.63 8.73 20.22
CA GLY A 160 -19.86 8.82 19.45
C GLY A 160 -19.54 9.03 17.99
N THR A 161 -20.23 8.30 17.11
CA THR A 161 -19.92 8.33 15.69
C THR A 161 -20.82 9.27 14.88
N ASP A 162 -21.80 9.88 15.54
CA ASP A 162 -22.81 10.68 14.86
C ASP A 162 -22.53 12.19 14.84
N GLY A 163 -21.39 12.61 15.39
CA GLY A 163 -21.06 14.02 15.45
C GLY A 163 -20.25 14.53 14.26
N LYS A 164 -20.04 15.85 14.27
CA LYS A 164 -19.20 16.50 13.27
C LYS A 164 -17.78 15.97 13.37
N TYR A 165 -17.29 15.84 14.60
CA TYR A 165 -15.92 15.42 14.87
C TYR A 165 -15.87 14.03 15.47
N LEU A 166 -14.96 13.21 14.97
CA LEU A 166 -14.70 11.92 15.55
C LEU A 166 -13.20 11.65 15.61
N VAL A 167 -12.69 11.35 16.80
CA VAL A 167 -11.33 10.85 16.92
C VAL A 167 -11.41 9.33 16.81
N LEU A 168 -10.85 8.81 15.74
CA LEU A 168 -10.96 7.40 15.42
C LEU A 168 -10.03 6.59 16.32
N PRO A 169 -10.37 5.32 16.58
CA PRO A 169 -9.60 4.47 17.50
C PRO A 169 -8.13 4.39 17.14
N SER A 170 -7.84 4.62 15.86
CA SER A 170 -6.48 4.58 15.34
C SER A 170 -5.77 5.91 15.47
N GLY A 171 -6.48 6.91 15.99
CA GLY A 171 -5.87 8.19 16.35
C GLY A 171 -6.11 9.39 15.45
N GLU A 172 -6.62 9.18 14.24
CA GLU A 172 -6.89 10.29 13.35
C GLU A 172 -8.13 11.07 13.77
N LEU A 173 -8.17 12.34 13.38
CA LEU A 173 -9.33 13.20 13.62
C LEU A 173 -10.21 13.24 12.38
N HIS A 174 -11.41 12.70 12.49
CA HIS A 174 -12.33 12.62 11.37
C HIS A 174 -13.33 13.76 11.46
N ILE A 175 -13.51 14.46 10.34
CA ILE A 175 -14.47 15.57 10.27
C ILE A 175 -15.47 15.34 9.13
N ARG A 176 -16.74 15.25 9.50
CA ARG A 176 -17.83 15.09 8.53
C ARG A 176 -18.09 16.36 7.76
N GLU A 177 -18.42 16.19 6.47
CA GLU A 177 -19.10 17.21 5.70
C GLU A 177 -18.46 18.58 5.86
N VAL A 178 -17.23 18.69 5.40
CA VAL A 178 -16.48 19.93 5.49
C VAL A 178 -17.13 21.05 4.71
N GLY A 179 -17.01 22.25 5.25
CA GLY A 179 -17.52 23.45 4.59
C GLY A 179 -16.56 24.57 4.96
N PRO A 180 -16.58 25.66 4.18
CA PRO A 180 -15.54 26.70 4.19
C PRO A 180 -15.17 27.19 5.60
N GLU A 181 -16.16 27.19 6.48
CA GLU A 181 -16.00 27.68 7.84
C GLU A 181 -15.01 26.81 8.60
N ASP A 182 -14.93 25.53 8.21
CA ASP A 182 -14.03 24.60 8.87
C ASP A 182 -12.57 24.88 8.54
N GLY A 183 -12.33 25.81 7.62
CA GLY A 183 -10.98 26.16 7.21
C GLY A 183 -10.31 27.20 8.12
N TYR A 184 -11.10 27.82 9.00
CA TYR A 184 -10.58 28.84 9.91
C TYR A 184 -9.97 28.21 11.16
N LYS A 185 -10.05 26.89 11.25
CA LYS A 185 -9.59 26.18 12.43
C LYS A 185 -8.27 25.47 12.13
N SER A 186 -7.46 25.30 13.17
CA SER A 186 -6.25 24.49 13.07
C SER A 186 -6.20 23.58 14.28
N TYR A 187 -5.54 22.44 14.12
CA TYR A 187 -5.55 21.41 15.14
C TYR A 187 -4.17 20.86 15.42
N GLN A 188 -3.96 20.47 16.67
CA GLN A 188 -2.79 19.70 17.05
C GLN A 188 -3.23 18.39 17.68
N CYS A 189 -2.36 17.40 17.61
CA CYS A 189 -2.60 16.12 18.28
C CYS A 189 -1.69 16.07 19.50
N ARG A 190 -2.17 15.39 20.53
CA ARG A 190 -1.41 15.18 21.75
C ARG A 190 -1.02 13.72 21.78
N THR A 191 0.26 13.44 21.94
CA THR A 191 0.75 12.06 21.95
C THR A 191 1.29 11.73 23.32
N LYS A 192 1.29 10.45 23.65
CA LYS A 192 1.83 9.98 24.91
C LYS A 192 2.78 8.82 24.63
N HIS A 193 3.97 8.89 25.21
CA HIS A 193 4.94 7.81 25.13
C HIS A 193 4.63 6.79 26.22
N ARG A 194 4.46 5.53 25.85
CA ARG A 194 3.98 4.52 26.79
C ARG A 194 5.07 3.96 27.72
N LEU A 195 6.32 4.34 27.50
CA LEU A 195 7.41 3.95 28.41
C LEU A 195 7.72 5.10 29.36
N THR A 196 8.15 6.22 28.81
CA THR A 196 8.48 7.39 29.61
C THR A 196 7.24 7.98 30.28
N GLY A 197 6.09 7.93 29.60
CA GLY A 197 4.84 8.44 30.14
C GLY A 197 4.59 9.91 29.83
N GLU A 198 5.53 10.53 29.12
CA GLU A 198 5.41 11.94 28.77
C GLU A 198 4.31 12.18 27.76
N THR A 199 3.67 13.34 27.83
CA THR A 199 2.74 13.76 26.79
C THR A 199 3.17 15.11 26.22
N ARG A 200 2.94 15.32 24.93
CA ARG A 200 3.27 16.58 24.28
C ARG A 200 2.37 16.84 23.08
N LEU A 201 2.18 18.12 22.78
CA LEU A 201 1.46 18.53 21.58
C LEU A 201 2.35 18.45 20.35
N SER A 202 1.74 18.25 19.19
CA SER A 202 2.48 18.21 17.93
C SER A 202 3.15 19.55 17.67
N ALA A 203 4.31 19.50 17.04
CA ALA A 203 5.15 20.69 16.86
C ALA A 203 4.64 21.58 15.75
N THR A 204 3.76 21.03 14.91
CA THR A 204 3.10 21.79 13.85
C THR A 204 1.58 21.63 13.96
N LYS A 205 0.86 22.61 13.40
CA LYS A 205 -0.61 22.63 13.41
C LYS A 205 -1.12 22.41 12.00
N GLY A 206 -2.09 21.52 11.83
CA GLY A 206 -2.72 21.33 10.53
C GLY A 206 -4.05 22.03 10.39
N ARG A 207 -4.45 22.29 9.14
CA ARG A 207 -5.76 22.89 8.88
C ARG A 207 -6.32 22.32 7.60
N LEU A 208 -7.64 22.40 7.46
CA LEU A 208 -8.31 22.00 6.23
C LEU A 208 -8.26 23.13 5.21
N VAL A 209 -7.67 22.85 4.06
CA VAL A 209 -7.69 23.80 2.95
C VAL A 209 -8.82 23.39 2.03
N ILE A 210 -9.87 24.22 2.01
CA ILE A 210 -11.12 23.84 1.38
C ILE A 210 -11.27 24.49 0.01
N THR A 211 -11.50 23.64 -0.99
CA THR A 211 -11.67 24.06 -2.38
C THR A 211 -13.14 24.10 -2.74
N GLU A 212 -13.59 25.24 -3.24
CA GLU A 212 -14.99 25.40 -3.61
C GLU A 212 -15.23 24.74 -4.97
N PRO A 213 -16.06 23.69 -4.99
CA PRO A 213 -16.23 22.95 -6.26
C PRO A 213 -16.81 23.81 -7.37
N VAL A 214 -16.17 23.78 -8.54
CA VAL A 214 -16.59 24.58 -9.69
C VAL A 214 -17.21 23.68 -10.77
N GLY A 215 -16.38 22.82 -11.34
CA GLY A 215 -16.83 21.86 -12.34
C GLY A 215 -17.18 20.53 -11.67
N SER A 216 -16.96 19.44 -12.38
CA SER A 216 -17.19 18.10 -11.83
C SER A 216 -15.87 17.34 -11.72
N LYS A 217 -15.76 16.52 -10.67
CA LYS A 217 -14.56 15.72 -10.46
C LYS A 217 -14.93 14.29 -10.08
N ALA A 218 -14.39 13.33 -10.83
CA ALA A 218 -14.54 11.93 -10.49
C ALA A 218 -13.85 11.65 -9.15
N PRO A 219 -14.21 10.54 -8.49
CA PRO A 219 -13.55 10.24 -7.22
C PRO A 219 -12.03 10.07 -7.37
N THR A 220 -11.29 10.66 -6.45
CA THR A 220 -9.84 10.49 -6.42
C THR A 220 -9.39 10.21 -5.00
N PHE A 221 -8.60 9.15 -4.85
CA PHE A 221 -8.01 8.80 -3.58
C PHE A 221 -6.76 9.61 -3.26
N ALA A 222 -6.45 9.72 -1.97
CA ALA A 222 -5.27 10.46 -1.52
C ALA A 222 -3.99 9.89 -2.12
N THR A 223 -3.97 8.58 -2.35
CA THR A 223 -2.82 7.88 -2.90
C THR A 223 -3.22 7.17 -4.19
N ALA A 224 -2.24 6.92 -5.06
CA ALA A 224 -2.51 6.24 -6.32
C ALA A 224 -2.49 4.73 -6.14
N SER A 225 -2.11 4.28 -4.95
CA SER A 225 -2.07 2.86 -4.66
C SER A 225 -3.48 2.29 -4.60
N LYS A 226 -3.68 1.15 -5.25
CA LYS A 226 -4.98 0.49 -5.24
C LYS A 226 -5.09 -0.62 -4.20
N ILE A 227 -4.01 -0.82 -3.43
CA ILE A 227 -3.99 -1.86 -2.40
C ILE A 227 -3.12 -1.44 -1.21
N SER A 228 -3.58 -1.77 0.00
CA SER A 228 -2.79 -1.59 1.22
C SER A 228 -3.12 -2.73 2.16
N SER A 229 -2.32 -2.90 3.21
CA SER A 229 -2.62 -3.92 4.21
C SER A 229 -2.62 -3.32 5.60
N LEU A 230 -3.25 -4.03 6.53
CA LEU A 230 -3.43 -3.53 7.86
C LEU A 230 -3.45 -4.67 8.87
N LEU A 231 -2.89 -4.40 10.04
CA LEU A 231 -2.91 -5.35 11.14
C LEU A 231 -3.77 -4.79 12.28
N GLY A 232 -4.42 -5.69 13.02
CA GLY A 232 -5.15 -5.29 14.22
C GLY A 232 -5.39 -6.47 15.13
N SER A 233 -5.61 -6.19 16.41
CA SER A 233 -5.76 -7.25 17.41
C SER A 233 -7.23 -7.53 17.71
N SER A 234 -7.50 -8.81 17.98
CA SER A 234 -8.83 -9.23 18.41
C SER A 234 -9.30 -8.44 19.61
N SER A 235 -10.58 -8.12 19.61
CA SER A 235 -11.23 -7.41 20.71
C SER A 235 -10.97 -5.89 20.66
N SER A 236 -10.15 -5.44 19.71
CA SER A 236 -9.96 -4.01 19.52
C SER A 236 -10.87 -3.46 18.43
N ASP A 237 -10.83 -2.14 18.25
CA ASP A 237 -11.66 -1.47 17.25
C ASP A 237 -10.78 -1.10 16.07
N ILE A 238 -11.05 -1.75 14.95
CA ILE A 238 -10.21 -1.62 13.77
C ILE A 238 -10.85 -0.65 12.78
N VAL A 239 -10.00 0.17 12.17
CA VAL A 239 -10.42 1.20 11.27
C VAL A 239 -9.88 0.95 9.88
N LEU A 240 -10.77 0.99 8.90
CA LEU A 240 -10.37 0.94 7.50
C LEU A 240 -10.76 2.26 6.85
N LEU A 241 -9.75 3.05 6.53
CA LEU A 241 -9.97 4.33 5.88
C LEU A 241 -10.23 4.12 4.41
N CYS A 242 -11.14 4.92 3.86
CA CYS A 242 -11.23 5.08 2.43
C CYS A 242 -11.23 6.58 2.19
N GLN A 243 -10.12 7.10 1.67
CA GLN A 243 -9.98 8.56 1.59
C GLN A 243 -10.05 8.95 0.15
N ALA A 244 -11.19 9.52 -0.21
CA ALA A 244 -11.49 9.83 -1.60
C ALA A 244 -12.26 11.12 -1.61
N GLN A 245 -12.08 11.89 -2.68
CA GLN A 245 -12.73 13.19 -2.82
C GLN A 245 -13.37 13.25 -4.18
N ALA A 246 -14.55 13.85 -4.26
CA ALA A 246 -15.21 14.03 -5.54
C ALA A 246 -16.17 15.21 -5.48
N PHE A 247 -16.48 15.77 -6.64
CA PHE A 247 -17.68 16.57 -6.76
C PHE A 247 -18.46 16.17 -8.00
N PRO A 248 -19.80 16.04 -7.87
CA PRO A 248 -20.55 16.08 -6.61
C PRO A 248 -20.07 15.03 -5.60
N VAL A 249 -20.37 15.27 -4.32
CA VAL A 249 -19.90 14.42 -3.24
C VAL A 249 -20.29 12.96 -3.52
N PRO A 250 -19.36 12.01 -3.33
CA PRO A 250 -19.66 10.63 -3.76
C PRO A 250 -20.30 9.77 -2.67
N TYR A 251 -20.67 8.55 -3.06
CA TYR A 251 -21.15 7.55 -2.12
C TYR A 251 -20.09 6.47 -1.99
N THR A 252 -19.98 5.89 -0.80
CA THR A 252 -18.97 4.87 -0.55
C THR A 252 -19.59 3.60 0.01
N ARG A 253 -19.27 2.48 -0.62
CA ARG A 253 -19.75 1.18 -0.18
C ARG A 253 -18.57 0.26 0.07
N TRP A 254 -18.62 -0.43 1.20
CA TRP A 254 -17.61 -1.42 1.56
C TRP A 254 -18.05 -2.84 1.23
N TYR A 255 -17.14 -3.61 0.67
CA TYR A 255 -17.36 -5.02 0.34
C TYR A 255 -16.24 -5.86 0.91
N LYS A 256 -16.49 -7.17 1.02
CA LYS A 256 -15.47 -8.12 1.42
C LYS A 256 -15.40 -9.24 0.40
N PHE A 257 -14.20 -9.54 -0.08
CA PHE A 257 -14.04 -10.63 -1.04
C PHE A 257 -14.37 -11.96 -0.39
N ILE A 258 -14.90 -12.85 -1.21
CA ILE A 258 -15.26 -14.19 -0.75
C ILE A 258 -14.02 -15.05 -0.94
N GLU A 259 -13.54 -15.62 0.16
CA GLU A 259 -12.25 -16.31 0.17
C GLU A 259 -12.21 -17.40 -0.90
N GLY A 260 -11.19 -17.35 -1.74
CA GLY A 260 -11.01 -18.33 -2.80
C GLY A 260 -11.83 -18.06 -4.05
N THR A 261 -12.24 -16.81 -4.26
CA THR A 261 -12.98 -16.47 -5.48
C THR A 261 -12.62 -15.10 -6.02
N THR A 262 -13.24 -14.77 -7.15
CA THR A 262 -13.14 -13.48 -7.80
C THR A 262 -14.18 -12.50 -7.22
N ARG A 263 -15.15 -13.02 -6.46
CA ARG A 263 -16.33 -12.24 -6.15
C ARG A 263 -16.35 -11.70 -4.72
N LYS A 264 -17.37 -10.89 -4.43
CA LYS A 264 -17.41 -10.12 -3.19
C LYS A 264 -18.82 -9.98 -2.65
N GLN A 265 -18.90 -9.92 -1.32
CA GLN A 265 -20.15 -9.68 -0.61
C GLN A 265 -20.10 -8.32 0.08
N ALA A 266 -21.24 -7.64 0.10
CA ALA A 266 -21.38 -6.35 0.77
C ALA A 266 -21.19 -6.48 2.28
N VAL A 267 -20.55 -5.48 2.88
CA VAL A 267 -20.34 -5.48 4.31
C VAL A 267 -21.64 -5.13 5.01
N VAL A 268 -21.97 -5.89 6.05
CA VAL A 268 -23.20 -5.66 6.81
C VAL A 268 -22.95 -4.70 7.97
N LEU A 269 -23.61 -3.55 7.96
CA LEU A 269 -23.51 -2.58 9.03
C LEU A 269 -24.53 -2.91 10.12
N ASN A 270 -24.07 -2.84 11.36
CA ASN A 270 -24.90 -3.14 12.53
C ASN A 270 -24.27 -2.43 13.73
N ASP A 271 -24.70 -2.80 14.92
CA ASP A 271 -24.15 -2.23 16.14
C ASP A 271 -22.62 -2.38 16.25
N ARG A 272 -22.10 -3.52 15.79
CA ARG A 272 -20.66 -3.77 15.86
C ARG A 272 -19.87 -3.14 14.72
N VAL A 273 -20.39 -3.23 13.50
CA VAL A 273 -19.68 -2.77 12.31
C VAL A 273 -20.30 -1.46 11.86
N LYS A 274 -19.51 -0.39 11.95
CA LYS A 274 -20.01 0.96 11.71
C LYS A 274 -19.39 1.55 10.45
N GLN A 275 -20.14 2.43 9.79
CA GLN A 275 -19.58 3.24 8.70
C GLN A 275 -19.78 4.72 9.00
N VAL A 276 -18.69 5.44 9.17
CA VAL A 276 -18.71 6.90 9.37
C VAL A 276 -18.20 7.56 8.10
N SER A 277 -19.10 8.21 7.37
CA SER A 277 -18.79 8.71 6.03
C SER A 277 -18.21 7.57 5.17
N GLY A 278 -16.95 7.69 4.76
CA GLY A 278 -16.32 6.69 3.93
C GLY A 278 -15.56 5.65 4.73
N THR A 279 -15.54 5.85 6.05
CA THR A 279 -14.66 5.08 6.93
C THR A 279 -15.41 3.95 7.58
N LEU A 280 -14.82 2.76 7.51
CA LEU A 280 -15.40 1.58 8.12
C LEU A 280 -14.72 1.30 9.44
N ILE A 281 -15.52 0.99 10.45
CA ILE A 281 -15.02 0.67 11.77
C ILE A 281 -15.56 -0.69 12.18
N ILE A 282 -14.66 -1.65 12.38
CA ILE A 282 -15.03 -2.96 12.88
C ILE A 282 -14.69 -3.02 14.36
N LYS A 283 -15.74 -2.97 15.18
CA LYS A 283 -15.57 -3.02 16.63
C LYS A 283 -15.42 -4.45 17.12
N ASP A 284 -14.69 -4.61 18.21
CA ASP A 284 -14.58 -5.89 18.88
C ASP A 284 -14.19 -6.95 17.86
N ALA A 285 -13.11 -6.68 17.15
CA ALA A 285 -12.71 -7.50 16.02
C ALA A 285 -12.53 -8.95 16.44
N VAL A 286 -12.83 -9.85 15.52
CA VAL A 286 -12.57 -11.26 15.74
C VAL A 286 -11.72 -11.72 14.58
N VAL A 287 -11.07 -12.87 14.74
CA VAL A 287 -10.24 -13.43 13.70
C VAL A 287 -10.96 -13.49 12.35
N GLU A 288 -12.24 -13.85 12.39
CA GLU A 288 -13.02 -14.05 11.17
C GLU A 288 -13.19 -12.77 10.37
N ASP A 289 -12.96 -11.62 11.01
CA ASP A 289 -13.00 -10.34 10.30
C ASP A 289 -11.85 -10.20 9.31
N SER A 290 -10.83 -11.06 9.41
CA SER A 290 -9.71 -11.01 8.49
C SER A 290 -10.21 -11.22 7.07
N GLY A 291 -9.52 -10.62 6.10
CA GLY A 291 -9.83 -10.87 4.70
C GLY A 291 -9.45 -9.69 3.85
N LYS A 292 -9.84 -9.75 2.58
CA LYS A 292 -9.64 -8.62 1.67
C LYS A 292 -10.93 -7.82 1.51
N TYR A 293 -10.83 -6.53 1.82
CA TYR A 293 -11.95 -5.60 1.77
C TYR A 293 -11.81 -4.72 0.55
N LEU A 294 -12.94 -4.29 0.01
CA LEU A 294 -12.94 -3.38 -1.12
C LEU A 294 -13.82 -2.17 -0.81
N CYS A 295 -13.25 -0.99 -1.00
CA CYS A 295 -13.98 0.25 -0.87
C CYS A 295 -14.33 0.75 -2.26
N VAL A 296 -15.60 0.98 -2.53
CA VAL A 296 -16.03 1.45 -3.84
C VAL A 296 -16.68 2.82 -3.71
N VAL A 297 -16.26 3.76 -4.55
CA VAL A 297 -16.65 5.15 -4.42
C VAL A 297 -17.15 5.67 -5.76
N ASN A 298 -18.38 6.17 -5.75
CA ASN A 298 -19.07 6.57 -6.97
C ASN A 298 -19.71 7.95 -6.87
N ASN A 299 -19.64 8.71 -7.96
CA ASN A 299 -20.55 9.81 -8.15
C ASN A 299 -20.98 9.84 -9.61
N SER A 300 -21.70 10.89 -9.97
CA SER A 300 -22.20 11.08 -11.33
C SER A 300 -21.13 10.93 -12.42
N VAL A 301 -19.93 11.44 -12.16
CA VAL A 301 -18.89 11.54 -13.18
C VAL A 301 -18.14 10.23 -13.40
N GLY A 302 -17.91 9.49 -12.33
CA GLY A 302 -17.15 8.26 -12.41
C GLY A 302 -17.15 7.48 -11.12
N GLY A 303 -16.32 6.45 -11.06
CA GLY A 303 -16.18 5.64 -9.87
C GLY A 303 -14.78 5.05 -9.74
N GLU A 304 -14.43 4.64 -8.53
CA GLU A 304 -13.11 4.09 -8.27
C GLU A 304 -13.16 3.10 -7.11
N SER A 305 -12.19 2.18 -7.06
CA SER A 305 -12.15 1.23 -5.98
C SER A 305 -10.73 0.94 -5.49
N VAL A 306 -10.63 0.59 -4.21
CA VAL A 306 -9.36 0.34 -3.58
C VAL A 306 -9.49 -0.83 -2.61
N GLU A 307 -8.44 -1.64 -2.55
CA GLU A 307 -8.43 -2.83 -1.71
C GLU A 307 -7.64 -2.64 -0.41
N THR A 308 -8.13 -3.25 0.66
CA THR A 308 -7.42 -3.30 1.94
C THR A 308 -7.37 -4.73 2.47
N VAL A 309 -6.18 -5.25 2.71
CA VAL A 309 -6.02 -6.59 3.27
C VAL A 309 -5.89 -6.48 4.79
N LEU A 310 -6.82 -7.10 5.50
CA LEU A 310 -6.88 -6.99 6.95
C LEU A 310 -6.55 -8.32 7.59
N THR A 311 -5.65 -8.28 8.56
CA THR A 311 -5.34 -9.43 9.38
C THR A 311 -5.70 -9.11 10.82
N VAL A 312 -6.58 -9.91 11.39
CA VAL A 312 -6.94 -9.78 12.79
C VAL A 312 -6.19 -10.83 13.58
N THR A 313 -5.26 -10.36 14.40
CA THR A 313 -4.42 -11.24 15.20
C THR A 313 -5.17 -11.73 16.42
N ALA A 314 -4.75 -12.91 16.87
CA ALA A 314 -5.15 -13.45 18.15
C ALA A 314 -3.90 -14.04 18.77
N PRO A 315 -3.78 -13.99 20.11
CA PRO A 315 -2.54 -14.46 20.74
C PRO A 315 -2.27 -15.94 20.46
N LEU A 316 -1.00 -16.30 20.27
CA LEU A 316 -0.65 -17.68 19.99
C LEU A 316 -0.59 -18.48 21.28
N SER A 317 -1.05 -19.72 21.23
CA SER A 317 -1.02 -20.63 22.36
C SER A 317 -0.95 -22.07 21.88
N ALA A 318 -0.31 -22.94 22.65
CA ALA A 318 -0.20 -24.33 22.24
C ALA A 318 -0.18 -25.29 23.41
N LYS A 319 -0.60 -26.52 23.12
CA LYS A 319 -0.42 -27.64 24.03
C LYS A 319 -0.16 -28.88 23.16
N ILE A 320 0.47 -29.89 23.73
CA ILE A 320 0.69 -31.16 23.04
C ILE A 320 -0.19 -32.21 23.65
N ASP A 321 -0.84 -32.98 22.79
CA ASP A 321 -1.53 -34.21 23.21
C ASP A 321 -0.71 -35.45 22.89
N PRO A 322 -0.51 -36.34 23.88
CA PRO A 322 -0.74 -36.26 25.32
C PRO A 322 0.41 -35.51 25.99
N PRO A 323 0.21 -34.98 27.20
CA PRO A 323 1.29 -34.28 27.92
C PRO A 323 2.43 -35.23 28.26
N THR A 324 2.10 -36.49 28.52
CA THR A 324 3.10 -37.52 28.77
C THR A 324 2.59 -38.84 28.19
N GLN A 325 3.52 -39.71 27.80
CA GLN A 325 3.19 -41.07 27.38
C GLN A 325 4.34 -42.01 27.64
N THR A 326 4.01 -43.28 27.92
CA THR A 326 5.00 -44.33 28.09
C THR A 326 4.84 -45.33 26.94
N VAL A 327 5.94 -45.65 26.28
CA VAL A 327 5.91 -46.44 25.07
C VAL A 327 6.97 -47.52 25.09
N ASP A 328 6.58 -48.74 24.75
CA ASP A 328 7.50 -49.86 24.71
C ASP A 328 8.45 -49.70 23.52
N PHE A 329 9.66 -50.23 23.65
CA PHE A 329 10.61 -50.27 22.53
C PHE A 329 9.96 -50.94 21.33
N GLY A 330 10.18 -50.38 20.15
CA GLY A 330 9.65 -50.95 18.92
C GLY A 330 8.28 -50.42 18.52
N ARG A 331 7.56 -49.85 19.49
CA ARG A 331 6.21 -49.36 19.27
C ARG A 331 6.17 -47.89 18.85
N PRO A 332 5.08 -47.45 18.17
CA PRO A 332 4.95 -46.05 17.74
C PRO A 332 4.66 -45.07 18.88
N ALA A 333 5.26 -43.89 18.80
CA ALA A 333 4.91 -42.78 19.69
C ALA A 333 4.35 -41.64 18.86
N VAL A 334 3.31 -40.98 19.35
CA VAL A 334 2.68 -39.88 18.61
C VAL A 334 2.44 -38.65 19.48
N PHE A 335 2.83 -37.50 18.95
CA PHE A 335 2.65 -36.20 19.59
C PHE A 335 1.81 -35.34 18.66
N THR A 336 0.78 -34.71 19.21
CA THR A 336 -0.08 -33.85 18.42
C THR A 336 -0.05 -32.44 18.97
N CYS A 337 0.35 -31.50 18.14
CA CYS A 337 0.46 -30.11 18.54
C CYS A 337 -0.86 -29.40 18.31
N GLN A 338 -1.49 -29.01 19.42
CA GLN A 338 -2.78 -28.32 19.38
C GLN A 338 -2.52 -26.85 19.65
N TYR A 339 -2.91 -25.99 18.72
CA TYR A 339 -2.64 -24.56 18.86
C TYR A 339 -3.78 -23.68 18.39
N THR A 340 -3.80 -22.45 18.91
CA THR A 340 -4.76 -21.43 18.50
C THR A 340 -4.03 -20.11 18.30
N GLY A 341 -4.76 -19.08 17.90
CA GLY A 341 -4.21 -17.78 17.60
C GLY A 341 -4.15 -17.53 16.11
N ASN A 342 -3.57 -16.40 15.71
CA ASN A 342 -3.65 -15.97 14.33
C ASN A 342 -2.77 -14.75 14.04
N PRO A 343 -2.09 -14.73 12.87
CA PRO A 343 -2.01 -15.87 11.95
C PRO A 343 -0.99 -16.92 12.42
N ILE A 344 -0.91 -18.05 11.73
CA ILE A 344 0.09 -19.07 12.02
C ILE A 344 0.99 -19.22 10.80
N LYS A 345 2.22 -18.72 10.88
CA LYS A 345 3.15 -18.85 9.77
C LYS A 345 3.92 -20.17 9.76
N THR A 346 4.34 -20.64 10.93
CA THR A 346 5.13 -21.87 11.00
C THR A 346 4.81 -22.68 12.24
N VAL A 347 4.83 -23.99 12.04
CA VAL A 347 4.80 -24.98 13.10
C VAL A 347 6.12 -25.77 13.02
N SER A 348 6.88 -25.82 14.11
CA SER A 348 8.15 -26.56 14.11
C SER A 348 8.29 -27.39 15.37
N TRP A 349 9.18 -28.37 15.34
CA TRP A 349 9.36 -29.28 16.46
C TRP A 349 10.76 -29.23 17.06
N MET A 350 10.84 -29.65 18.32
CA MET A 350 12.08 -29.75 19.06
C MET A 350 12.09 -30.98 19.92
N LYS A 351 13.29 -31.53 20.14
CA LYS A 351 13.48 -32.61 21.10
C LYS A 351 14.67 -32.28 21.99
N ASP A 352 14.44 -32.18 23.30
CA ASP A 352 15.47 -31.85 24.28
C ASP A 352 16.31 -30.65 23.88
N GLY A 353 15.68 -29.64 23.31
CA GLY A 353 16.36 -28.39 22.98
C GLY A 353 17.02 -28.37 21.60
N LYS A 354 16.90 -29.45 20.86
CA LYS A 354 17.45 -29.51 19.51
C LYS A 354 16.32 -29.48 18.49
N ALA A 355 16.51 -28.70 17.42
CA ALA A 355 15.47 -28.55 16.41
C ALA A 355 15.35 -29.81 15.55
N ILE A 356 14.11 -30.17 15.25
CA ILE A 356 13.78 -31.34 14.43
C ILE A 356 13.21 -30.91 13.09
N GLY A 357 13.42 -31.75 12.09
CA GLY A 357 13.12 -31.42 10.71
C GLY A 357 11.67 -31.67 10.37
N HIS A 358 10.81 -31.60 11.38
CA HIS A 358 9.36 -31.77 11.22
C HIS A 358 8.56 -30.44 11.27
N SER A 359 7.86 -30.14 10.18
CA SER A 359 7.01 -28.95 10.05
C SER A 359 5.49 -29.17 10.27
N GLU A 360 5.06 -30.38 10.65
CA GLU A 360 3.63 -30.70 10.70
C GLU A 360 3.11 -30.89 12.12
N PRO A 361 1.80 -30.69 12.32
CA PRO A 361 1.22 -30.69 13.67
C PRO A 361 1.24 -32.04 14.39
N VAL A 362 1.34 -33.14 13.64
CA VAL A 362 1.46 -34.46 14.24
C VAL A 362 2.88 -34.98 14.03
N LEU A 363 3.52 -35.38 15.12
CA LEU A 363 4.85 -35.98 15.06
C LEU A 363 4.78 -37.43 15.51
N ARG A 364 5.08 -38.33 14.58
CA ARG A 364 5.04 -39.75 14.87
C ARG A 364 6.42 -40.37 14.81
N ILE A 365 6.84 -41.00 15.90
CA ILE A 365 8.04 -41.83 15.91
C ILE A 365 7.59 -43.28 15.64
N GLU A 366 7.98 -43.83 14.50
CA GLU A 366 7.45 -45.13 14.09
C GLU A 366 7.80 -46.26 15.06
N SER A 367 9.08 -46.35 15.43
CA SER A 367 9.52 -47.34 16.41
C SER A 367 10.50 -46.71 17.40
N VAL A 368 10.15 -46.68 18.68
CA VAL A 368 10.97 -45.93 19.64
C VAL A 368 12.17 -46.75 20.13
N LYS A 369 13.30 -46.05 20.26
CA LYS A 369 14.51 -46.62 20.84
C LYS A 369 14.82 -45.87 22.14
N LYS A 370 15.87 -46.29 22.84
CA LYS A 370 16.15 -45.77 24.18
C LYS A 370 16.39 -44.26 24.17
N GLU A 371 17.08 -43.77 23.15
CA GLU A 371 17.48 -42.36 23.12
C GLU A 371 16.29 -41.45 22.86
N ASP A 372 15.14 -42.03 22.53
CA ASP A 372 13.94 -41.23 22.25
C ASP A 372 13.32 -40.64 23.51
N LYS A 373 13.64 -41.21 24.67
CA LYS A 373 13.08 -40.69 25.92
C LYS A 373 13.58 -39.27 26.14
N GLY A 374 12.69 -38.41 26.61
CA GLY A 374 13.03 -37.02 26.83
C GLY A 374 11.85 -36.11 26.58
N MET A 375 12.16 -34.84 26.41
CA MET A 375 11.14 -33.82 26.21
C MET A 375 10.98 -33.46 24.73
N TYR A 376 9.73 -33.27 24.32
CA TYR A 376 9.40 -32.91 22.95
C TYR A 376 8.65 -31.59 22.98
N GLN A 377 8.83 -30.79 21.93
CA GLN A 377 8.20 -29.49 21.88
C GLN A 377 7.79 -29.17 20.48
N CYS A 378 6.62 -28.53 20.36
CA CYS A 378 6.23 -27.91 19.11
C CYS A 378 6.23 -26.41 19.36
N PHE A 379 6.61 -25.66 18.33
CA PHE A 379 6.60 -24.21 18.37
C PHE A 379 5.70 -23.69 17.24
N VAL A 380 4.86 -22.70 17.56
CA VAL A 380 4.08 -22.00 16.55
C VAL A 380 4.52 -20.54 16.53
N ARG A 381 4.77 -20.02 15.34
CA ARG A 381 5.24 -18.65 15.18
C ARG A 381 4.50 -17.91 14.08
N ASN A 382 4.38 -16.61 14.30
CA ASN A 382 4.11 -15.66 13.22
C ASN A 382 5.14 -14.52 13.37
N ASP A 383 5.00 -13.47 12.58
CA ASP A 383 6.00 -12.40 12.56
C ASP A 383 6.18 -11.71 13.92
N GLN A 384 5.09 -11.51 14.65
CA GLN A 384 5.12 -10.76 15.91
C GLN A 384 5.37 -11.60 17.15
N GLU A 385 5.25 -12.92 17.05
CA GLU A 385 4.97 -13.73 18.24
C GLU A 385 5.35 -15.20 18.06
N SER A 386 5.45 -15.90 19.18
CA SER A 386 5.62 -17.34 19.17
C SER A 386 4.94 -17.94 20.39
N ALA A 387 4.64 -19.24 20.33
CA ALA A 387 4.21 -20.01 21.50
C ALA A 387 4.79 -21.41 21.43
N GLU A 388 4.92 -22.07 22.57
CA GLU A 388 5.46 -23.42 22.60
C GLU A 388 4.66 -24.31 23.54
N ALA A 389 4.73 -25.61 23.28
CA ALA A 389 4.17 -26.61 24.19
C ALA A 389 5.19 -27.71 24.37
N SER A 390 5.20 -28.33 25.54
CA SER A 390 6.13 -29.41 25.83
C SER A 390 5.37 -30.68 26.18
N ALA A 391 5.98 -31.82 25.86
CA ALA A 391 5.47 -33.13 26.26
C ALA A 391 6.64 -34.05 26.59
N GLU A 392 6.37 -35.07 27.40
CA GLU A 392 7.39 -36.00 27.86
C GLU A 392 7.14 -37.39 27.30
N LEU A 393 8.22 -38.05 26.87
CA LEU A 393 8.17 -39.43 26.43
C LEU A 393 8.99 -40.30 27.39
N LYS A 394 8.34 -41.31 27.96
CA LYS A 394 9.02 -42.29 28.82
C LYS A 394 8.99 -43.68 28.17
N LEU A 395 9.95 -44.52 28.54
CA LEU A 395 10.12 -45.84 27.95
C LEU A 395 9.47 -46.92 28.81
N GLY A 396 8.87 -47.92 28.16
CA GLY A 396 8.34 -49.08 28.84
C GLY A 396 9.38 -50.18 28.93
N PRO B 8 -14.38 3.69 -45.85
CA PRO B 8 -13.82 4.70 -44.94
C PRO B 8 -12.58 4.20 -44.19
N VAL B 9 -11.63 5.10 -43.96
CA VAL B 9 -10.51 4.86 -43.07
C VAL B 9 -10.00 6.19 -42.53
N PHE B 10 -9.40 6.17 -41.34
CA PHE B 10 -8.75 7.36 -40.78
C PHE B 10 -7.26 7.12 -40.65
N LEU B 11 -6.43 8.00 -41.19
CA LEU B 11 -5.04 8.08 -40.75
C LEU B 11 -4.88 9.18 -39.72
N LYS B 12 -5.96 9.92 -39.46
CA LYS B 12 -6.02 10.83 -38.31
C LYS B 12 -7.24 10.50 -37.49
N GLU B 13 -7.00 10.11 -36.24
CA GLU B 13 -8.06 9.69 -35.34
C GLU B 13 -7.87 10.39 -34.01
N PRO B 14 -8.98 10.78 -33.35
CA PRO B 14 -8.81 11.48 -32.07
C PRO B 14 -8.18 10.65 -30.96
N THR B 15 -7.55 11.34 -30.02
CA THR B 15 -6.93 10.70 -28.86
C THR B 15 -7.99 10.33 -27.82
N ASN B 16 -7.69 9.33 -27.00
CA ASN B 16 -8.60 8.91 -25.93
C ASN B 16 -8.91 10.03 -24.94
N ARG B 17 -7.87 10.67 -24.42
CA ARG B 17 -8.05 11.72 -23.42
C ARG B 17 -7.87 13.12 -24.01
N ILE B 18 -8.93 13.91 -23.93
CA ILE B 18 -8.88 15.33 -24.27
C ILE B 18 -9.14 16.15 -23.02
N ASP B 19 -8.10 16.82 -22.53
CA ASP B 19 -8.19 17.62 -21.31
C ASP B 19 -7.83 19.07 -21.61
N PHE B 20 -8.66 20.00 -21.15
CA PHE B 20 -8.42 21.42 -21.39
C PHE B 20 -9.04 22.31 -20.32
N SER B 21 -8.51 23.52 -20.19
CA SER B 21 -8.98 24.45 -19.17
C SER B 21 -10.30 25.10 -19.56
N ASN B 22 -10.86 25.92 -18.67
CA ASN B 22 -12.07 26.65 -18.99
C ASN B 22 -11.69 27.84 -19.85
N SER B 23 -10.48 28.35 -19.63
CA SER B 23 -9.92 29.44 -20.40
C SER B 23 -9.32 29.02 -21.75
N THR B 24 -8.78 27.80 -21.80
CA THR B 24 -8.02 27.35 -22.98
C THR B 24 -8.92 26.98 -24.16
N GLY B 25 -9.92 26.14 -23.91
CA GLY B 25 -10.72 25.58 -25.00
C GLY B 25 -9.94 24.50 -25.72
N ALA B 26 -10.56 23.80 -26.66
CA ALA B 26 -9.89 22.74 -27.38
C ALA B 26 -10.49 22.47 -28.77
N GLU B 27 -9.67 21.89 -29.64
CA GLU B 27 -10.10 21.43 -30.96
C GLU B 27 -9.69 19.98 -31.13
N ILE B 28 -10.50 19.21 -31.84
CA ILE B 28 -10.11 17.86 -32.24
C ILE B 28 -10.67 17.55 -33.62
N GLU B 29 -9.82 16.96 -34.48
CA GLU B 29 -10.19 16.65 -35.85
C GLU B 29 -10.16 15.17 -36.13
N CYS B 30 -11.17 14.69 -36.86
CA CYS B 30 -11.18 13.34 -37.40
C CYS B 30 -11.15 13.44 -38.93
N LYS B 31 -10.02 13.06 -39.53
CA LYS B 31 -9.94 12.95 -40.98
C LYS B 31 -10.28 11.53 -41.36
N ALA B 32 -11.08 11.38 -42.41
CA ALA B 32 -11.40 10.05 -42.94
C ALA B 32 -11.26 10.06 -44.45
N SER B 33 -10.77 8.95 -45.00
CA SER B 33 -10.53 8.84 -46.43
C SER B 33 -11.27 7.66 -47.05
N GLY B 34 -11.41 7.71 -48.36
CA GLY B 34 -12.11 6.68 -49.12
C GLY B 34 -12.33 7.26 -50.49
N ASN B 35 -12.74 6.45 -51.46
CA ASN B 35 -12.95 6.95 -52.81
C ASN B 35 -13.98 8.07 -52.77
N PRO B 36 -15.09 7.87 -52.04
CA PRO B 36 -15.90 9.01 -51.60
C PRO B 36 -15.12 9.93 -50.67
N TRP B 42 -20.90 14.65 -34.74
CA TRP B 42 -20.34 13.32 -34.48
C TRP B 42 -21.35 12.46 -33.73
N ILE B 43 -20.96 11.22 -33.43
CA ILE B 43 -21.80 10.31 -32.67
C ILE B 43 -21.36 10.23 -31.20
N ARG B 44 -22.05 9.38 -30.45
CA ARG B 44 -21.63 9.02 -29.10
C ARG B 44 -21.72 7.52 -28.90
N SER B 45 -20.82 6.96 -28.10
CA SER B 45 -20.86 5.54 -27.78
C SER B 45 -22.09 5.24 -26.92
N ASP B 46 -22.73 6.29 -26.44
CA ASP B 46 -24.06 6.18 -25.86
C ASP B 46 -25.06 5.81 -26.96
N GLY B 47 -24.59 5.84 -28.21
CA GLY B 47 -25.33 5.30 -29.34
C GLY B 47 -25.91 6.34 -30.29
N THR B 48 -25.92 7.61 -29.87
CA THR B 48 -26.59 8.66 -30.63
C THR B 48 -25.64 9.74 -31.14
N ALA B 49 -26.00 10.30 -32.29
CA ALA B 49 -25.37 11.51 -32.81
C ALA B 49 -26.21 12.71 -32.41
N VAL B 50 -25.66 13.56 -31.55
CA VAL B 50 -26.36 14.75 -31.09
C VAL B 50 -25.74 15.95 -31.77
N GLY B 51 -26.57 16.96 -32.02
CA GLY B 51 -26.13 18.16 -32.67
C GLY B 51 -25.41 19.05 -31.68
N ASP B 52 -25.36 20.34 -31.99
CA ASP B 52 -24.54 21.27 -31.22
C ASP B 52 -25.27 21.97 -30.07
N VAL B 53 -24.58 22.09 -28.95
CA VAL B 53 -25.04 22.91 -27.82
C VAL B 53 -24.51 24.33 -28.02
N PRO B 54 -25.38 25.35 -27.89
CA PRO B 54 -24.85 26.68 -28.24
C PRO B 54 -23.69 27.10 -27.36
N GLY B 55 -22.58 27.46 -27.99
CA GLY B 55 -21.42 28.02 -27.32
C GLY B 55 -20.67 27.08 -26.40
N LEU B 56 -21.16 25.84 -26.22
CA LEU B 56 -20.43 24.83 -25.45
C LEU B 56 -19.64 23.88 -26.34
N ARG B 57 -19.84 24.04 -27.65
CA ARG B 57 -19.07 23.32 -28.67
C ARG B 57 -19.62 23.68 -30.04
N GLN B 58 -18.97 23.19 -31.10
CA GLN B 58 -19.62 23.12 -32.40
C GLN B 58 -18.98 22.06 -33.30
N ILE B 59 -19.78 21.56 -34.23
CA ILE B 59 -19.29 20.82 -35.38
C ILE B 59 -19.30 21.77 -36.57
N SER B 60 -18.20 21.78 -37.32
CA SER B 60 -18.09 22.56 -38.54
C SER B 60 -17.96 21.58 -39.71
N SER B 61 -18.33 22.01 -40.91
CA SER B 61 -18.25 21.13 -42.07
C SER B 61 -16.80 20.73 -42.32
N ASP B 62 -15.88 21.56 -41.84
CA ASP B 62 -14.52 21.11 -41.59
C ASP B 62 -14.60 20.27 -40.32
N GLY B 63 -14.17 19.01 -40.40
CA GLY B 63 -14.68 17.97 -39.52
C GLY B 63 -14.44 18.14 -38.03
N LYS B 64 -13.74 19.21 -37.66
CA LYS B 64 -13.34 19.42 -36.27
C LYS B 64 -14.55 19.56 -35.34
N LEU B 65 -14.51 18.86 -34.21
CA LEU B 65 -15.43 19.10 -33.10
C LEU B 65 -14.73 20.01 -32.10
N VAL B 66 -15.22 21.23 -31.96
CA VAL B 66 -14.51 22.27 -31.23
C VAL B 66 -15.23 22.63 -29.94
N PHE B 67 -14.55 22.47 -28.81
CA PHE B 67 -15.03 22.99 -27.53
C PHE B 67 -14.38 24.34 -27.26
N PRO B 68 -15.16 25.44 -27.34
CA PRO B 68 -14.57 26.76 -27.10
C PRO B 68 -14.34 27.05 -25.62
N PRO B 69 -13.43 27.99 -25.31
CA PRO B 69 -13.23 28.40 -23.92
C PRO B 69 -14.51 28.95 -23.31
N PHE B 70 -14.80 28.60 -22.06
CA PHE B 70 -16.08 28.96 -21.45
C PHE B 70 -15.93 29.35 -19.98
N ARG B 71 -16.78 30.29 -19.57
CA ARG B 71 -16.95 30.61 -18.16
C ARG B 71 -17.55 29.38 -17.48
N ALA B 72 -17.12 29.10 -16.25
CA ALA B 72 -17.32 27.77 -15.68
C ALA B 72 -18.69 27.53 -15.04
N GLU B 73 -19.53 28.55 -14.97
CA GLU B 73 -20.92 28.32 -14.58
C GLU B 73 -21.66 27.74 -15.79
N ASP B 74 -21.05 27.89 -16.97
CA ASP B 74 -21.57 27.29 -18.19
C ASP B 74 -21.03 25.88 -18.35
N TYR B 75 -20.27 25.42 -17.36
CA TYR B 75 -19.85 24.04 -17.34
C TYR B 75 -21.08 23.15 -17.22
N ARG B 76 -21.21 22.21 -18.14
CA ARG B 76 -22.27 21.20 -18.10
C ARG B 76 -21.63 19.83 -18.26
N GLN B 77 -21.76 19.02 -17.21
CA GLN B 77 -21.07 17.75 -17.13
C GLN B 77 -21.40 16.84 -18.31
N GLU B 78 -22.64 16.91 -18.79
CA GLU B 78 -23.09 16.00 -19.85
C GLU B 78 -22.53 16.40 -21.22
N VAL B 79 -21.97 17.60 -21.31
CA VAL B 79 -21.21 18.02 -22.48
C VAL B 79 -19.74 17.83 -22.18
N HIS B 80 -19.27 18.58 -21.19
CA HIS B 80 -17.85 18.74 -20.92
C HIS B 80 -17.14 17.51 -20.38
N ALA B 81 -17.82 16.67 -19.60
CA ALA B 81 -17.29 15.34 -19.32
C ALA B 81 -18.17 14.27 -19.94
N GLN B 82 -17.70 13.71 -21.06
CA GLN B 82 -18.40 12.60 -21.69
C GLN B 82 -17.49 11.88 -22.67
N VAL B 83 -17.87 10.66 -23.03
CA VAL B 83 -17.22 9.92 -24.11
C VAL B 83 -17.85 10.29 -25.45
N TYR B 84 -17.00 10.58 -26.43
CA TYR B 84 -17.41 10.92 -27.78
C TYR B 84 -16.78 9.95 -28.75
N ALA B 85 -17.30 9.90 -29.97
CA ALA B 85 -16.73 9.05 -31.01
C ALA B 85 -16.83 9.74 -32.37
N CYS B 86 -16.11 9.22 -33.34
CA CYS B 86 -16.10 9.76 -34.70
C CYS B 86 -16.47 8.68 -35.71
N LEU B 87 -17.61 8.86 -36.38
CA LEU B 87 -18.07 7.91 -37.39
C LEU B 87 -17.81 8.42 -38.79
N ALA B 88 -17.03 7.66 -39.55
CA ALA B 88 -16.82 7.93 -40.97
C ALA B 88 -17.56 6.86 -41.79
N ARG B 89 -18.35 7.32 -42.76
CA ARG B 89 -19.19 6.43 -43.55
C ARG B 89 -19.17 6.81 -45.02
N ASN B 90 -19.54 5.85 -45.86
CA ASN B 90 -19.62 6.07 -47.29
C ASN B 90 -20.58 5.08 -47.94
N GLN B 91 -20.54 5.01 -49.26
CA GLN B 91 -21.29 4.03 -50.03
C GLN B 91 -21.22 2.64 -49.41
N PHE B 92 -20.01 2.07 -49.39
CA PHE B 92 -19.83 0.66 -49.09
C PHE B 92 -20.08 0.29 -47.62
N GLY B 93 -19.72 1.16 -46.69
CA GLY B 93 -19.89 0.86 -45.28
C GLY B 93 -19.56 1.99 -44.34
N SER B 94 -19.47 1.66 -43.05
CA SER B 94 -19.22 2.65 -42.00
C SER B 94 -18.27 2.09 -40.93
N ILE B 95 -17.61 2.99 -40.21
CA ILE B 95 -16.70 2.60 -39.13
C ILE B 95 -16.66 3.63 -38.01
N ILE B 96 -16.41 3.15 -36.79
CA ILE B 96 -16.32 4.00 -35.61
C ILE B 96 -14.87 4.17 -35.14
N SER B 97 -14.55 5.35 -34.63
CA SER B 97 -13.22 5.58 -34.08
C SER B 97 -13.13 5.00 -32.67
N ARG B 98 -11.98 5.13 -32.04
CA ARG B 98 -11.82 4.73 -30.64
C ARG B 98 -12.54 5.72 -29.75
N ASP B 99 -12.87 5.30 -28.53
CA ASP B 99 -13.55 6.16 -27.58
C ASP B 99 -12.74 7.43 -27.32
N VAL B 100 -13.41 8.58 -27.38
CA VAL B 100 -12.79 9.87 -27.11
C VAL B 100 -13.39 10.46 -25.85
N HIS B 101 -12.62 10.49 -24.77
CA HIS B 101 -13.11 11.01 -23.49
C HIS B 101 -12.73 12.47 -23.34
N VAL B 102 -13.73 13.34 -23.36
CA VAL B 102 -13.50 14.77 -23.20
C VAL B 102 -13.64 15.12 -21.73
N ARG B 103 -12.65 15.81 -21.18
CA ARG B 103 -12.72 16.35 -19.83
C ARG B 103 -12.35 17.83 -19.84
N ALA B 104 -13.32 18.67 -19.54
CA ALA B 104 -13.03 20.09 -19.36
C ALA B 104 -12.78 20.29 -17.88
N VAL B 105 -11.77 21.11 -17.57
CA VAL B 105 -11.37 21.31 -16.19
C VAL B 105 -11.19 22.79 -15.92
N VAL B 106 -11.97 23.34 -15.00
CA VAL B 106 -11.94 24.77 -14.75
C VAL B 106 -10.67 25.18 -14.04
N GLN B 107 -10.00 26.21 -14.56
CA GLN B 107 -8.81 26.73 -13.91
C GLN B 107 -9.17 27.10 -12.49
N GLN B 108 -8.43 26.55 -11.54
CA GLN B 108 -8.74 26.71 -10.13
C GLN B 108 -7.49 26.85 -9.28
N PHE B 109 -7.63 27.62 -8.21
CA PHE B 109 -6.55 27.84 -7.27
C PHE B 109 -6.17 26.56 -6.53
N TYR B 110 -4.87 26.30 -6.46
CA TYR B 110 -4.34 25.15 -5.74
C TYR B 110 -2.98 25.50 -5.16
N GLU B 111 -2.59 24.82 -4.10
CA GLU B 111 -1.24 24.97 -3.54
C GLU B 111 -0.62 23.62 -3.27
N SER B 112 0.70 23.56 -3.41
CA SER B 112 1.47 22.39 -3.07
C SER B 112 2.29 22.71 -1.83
N GLU B 113 2.59 21.69 -1.04
CA GLU B 113 3.31 21.85 0.21
C GLU B 113 4.44 20.83 0.28
N VAL B 114 5.50 21.19 0.99
CA VAL B 114 6.53 20.23 1.37
C VAL B 114 6.51 20.12 2.88
N ASN B 115 6.03 18.98 3.38
CA ASN B 115 6.07 18.69 4.81
C ASN B 115 7.43 18.18 5.26
N ASN B 116 7.72 18.34 6.54
CA ASN B 116 8.97 17.87 7.10
C ASN B 116 9.11 16.36 7.06
N GLU B 117 10.35 15.89 7.02
CA GLU B 117 10.64 14.47 7.11
C GLU B 117 11.51 14.23 8.33
N TYR B 118 11.27 13.10 8.99
CA TYR B 118 11.98 12.73 10.20
C TYR B 118 12.79 11.47 9.94
N VAL B 119 14.12 11.60 9.99
CA VAL B 119 15.02 10.50 9.69
C VAL B 119 16.13 10.31 10.72
N ILE B 120 16.58 9.08 10.84
CA ILE B 120 17.75 8.75 11.65
C ILE B 120 19.00 9.03 10.80
N ARG B 121 19.97 9.71 11.39
CA ARG B 121 21.20 10.05 10.67
C ARG B 121 21.85 8.84 10.01
N GLY B 122 22.28 9.02 8.77
CA GLY B 122 22.93 7.98 7.99
C GLY B 122 21.98 7.31 6.99
N ASN B 123 20.68 7.40 7.25
CA ASN B 123 19.67 6.85 6.36
C ASN B 123 19.38 7.75 5.16
N ALA B 124 18.89 7.16 4.08
CA ALA B 124 18.39 7.93 2.96
C ALA B 124 17.11 8.64 3.36
N ALA B 125 16.86 9.81 2.78
CA ALA B 125 15.63 10.57 3.02
C ALA B 125 14.89 10.82 1.71
N VAL B 126 13.57 10.87 1.80
CA VAL B 126 12.72 11.15 0.64
C VAL B 126 11.78 12.30 0.97
N LEU B 127 11.98 13.42 0.29
CA LEU B 127 11.10 14.56 0.43
C LEU B 127 9.99 14.40 -0.60
N LYS B 128 8.79 14.80 -0.22
CA LYS B 128 7.64 14.69 -1.09
C LYS B 128 6.99 16.04 -1.32
N CYS B 129 6.58 16.27 -2.56
CA CYS B 129 5.79 17.44 -2.91
C CYS B 129 4.33 17.03 -2.78
N SER B 130 3.66 17.60 -1.79
CA SER B 130 2.27 17.22 -1.50
C SER B 130 1.33 18.06 -2.34
N ILE B 131 0.54 17.39 -3.16
CA ILE B 131 -0.37 18.04 -4.10
C ILE B 131 -1.79 17.54 -3.85
N PRO B 132 -2.79 18.45 -3.91
CA PRO B 132 -4.17 17.98 -3.73
C PRO B 132 -4.51 16.85 -4.71
N SER B 133 -5.11 15.78 -4.19
CA SER B 133 -5.41 14.62 -4.99
C SER B 133 -6.26 14.97 -6.22
N PHE B 134 -7.14 15.97 -6.08
CA PHE B 134 -8.07 16.27 -7.17
C PHE B 134 -7.47 17.12 -8.30
N VAL B 135 -6.35 17.79 -8.06
CA VAL B 135 -5.56 18.36 -9.18
C VAL B 135 -4.34 17.50 -9.57
N ALA B 136 -4.12 16.40 -8.87
CA ALA B 136 -2.87 15.65 -9.01
C ALA B 136 -2.69 15.02 -10.38
N ASP B 137 -3.74 14.95 -11.18
CA ASP B 137 -3.62 14.40 -12.53
C ASP B 137 -3.02 15.43 -13.49
N PHE B 138 -3.34 16.70 -13.29
CA PHE B 138 -2.84 17.77 -14.14
C PHE B 138 -1.64 18.55 -13.59
N VAL B 139 -1.20 18.21 -12.38
CA VAL B 139 -0.10 18.93 -11.74
C VAL B 139 1.06 17.98 -11.44
N GLN B 140 2.22 18.29 -12.01
CA GLN B 140 3.39 17.44 -11.86
C GLN B 140 4.58 18.26 -11.35
N VAL B 141 5.47 17.59 -10.63
CA VAL B 141 6.66 18.23 -10.09
C VAL B 141 7.65 18.52 -11.20
N VAL B 142 8.11 19.77 -11.25
CA VAL B 142 9.11 20.20 -12.22
C VAL B 142 10.51 20.08 -11.62
N SER B 143 10.76 20.85 -10.56
CA SER B 143 12.07 20.88 -9.93
C SER B 143 11.97 21.03 -8.41
N TRP B 144 13.10 20.76 -7.75
CA TRP B 144 13.28 21.01 -6.33
C TRP B 144 14.40 22.03 -6.15
N GLN B 145 14.29 22.87 -5.13
CA GLN B 145 15.24 23.96 -4.96
C GLN B 145 15.46 24.39 -3.52
N ASP B 146 16.54 25.12 -3.35
CA ASP B 146 17.09 25.59 -2.09
C ASP B 146 16.26 26.73 -1.48
N GLU B 147 16.64 27.18 -0.29
CA GLU B 147 16.00 28.35 0.31
C GLU B 147 16.23 29.58 -0.55
N GLU B 148 17.43 29.66 -1.12
CA GLU B 148 17.87 30.81 -1.89
C GLU B 148 17.68 30.64 -3.41
N GLY B 149 17.04 29.55 -3.81
CA GLY B 149 16.59 29.38 -5.19
C GLY B 149 17.48 28.49 -6.04
N GLN B 150 18.54 27.95 -5.45
CA GLN B 150 19.42 27.03 -6.16
C GLN B 150 18.79 25.66 -6.27
N LEU B 151 18.96 25.02 -7.42
CA LEU B 151 18.31 23.75 -7.71
C LEU B 151 19.04 22.54 -7.12
N TYR B 152 18.28 21.64 -6.50
CA TYR B 152 18.79 20.31 -6.15
C TYR B 152 18.78 19.45 -7.41
N GLY B 153 17.81 19.72 -8.27
CA GLY B 153 17.72 19.04 -9.55
C GLY B 153 16.44 19.40 -10.27
N SER B 154 16.42 19.14 -11.57
CA SER B 154 15.25 19.37 -12.39
C SER B 154 14.77 18.02 -12.92
N LEU B 155 13.49 17.75 -12.71
CA LEU B 155 12.95 16.44 -13.06
C LEU B 155 13.12 16.16 -14.53
N GLY B 156 13.48 14.92 -14.84
CA GLY B 156 13.38 14.42 -16.20
C GLY B 156 14.44 14.98 -17.11
N ASP B 157 15.19 16.00 -16.66
CA ASP B 157 16.20 16.58 -17.52
C ASP B 157 17.49 15.85 -17.21
N GLN B 158 17.87 15.01 -18.17
CA GLN B 158 19.04 14.15 -18.09
C GLN B 158 19.04 13.41 -16.75
N GLN B 159 20.21 13.22 -16.13
CA GLN B 159 20.26 12.53 -14.85
C GLN B 159 21.63 12.52 -14.17
N GLY B 160 21.63 11.91 -12.99
CA GLY B 160 22.68 11.00 -12.55
C GLY B 160 22.06 10.27 -11.39
N THR B 161 22.44 9.01 -11.14
CA THR B 161 21.91 8.27 -10.00
C THR B 161 22.83 8.22 -8.78
N ASP B 162 24.06 8.71 -8.92
CA ASP B 162 25.07 8.54 -7.87
C ASP B 162 25.24 9.75 -6.95
N GLY B 163 24.52 10.83 -7.23
CA GLY B 163 24.71 12.06 -6.49
C GLY B 163 24.12 12.03 -5.11
N LYS B 164 24.49 13.02 -4.30
CA LYS B 164 23.88 13.27 -3.01
C LYS B 164 22.37 13.42 -3.18
N TYR B 165 22.01 14.29 -4.13
CA TYR B 165 20.61 14.55 -4.43
C TYR B 165 20.18 13.84 -5.72
N LEU B 166 18.95 13.34 -5.71
CA LEU B 166 18.32 12.85 -6.93
C LEU B 166 16.84 13.21 -6.94
N VAL B 167 16.38 13.82 -8.04
CA VAL B 167 14.96 14.02 -8.24
C VAL B 167 14.46 12.82 -9.02
N LEU B 168 13.63 12.02 -8.36
CA LEU B 168 13.14 10.77 -8.93
C LEU B 168 12.13 11.07 -10.04
N PRO B 169 12.04 10.20 -11.06
CA PRO B 169 11.05 10.36 -12.13
C PRO B 169 9.66 10.64 -11.59
N SER B 170 9.32 10.00 -10.47
CA SER B 170 8.01 10.15 -9.85
C SER B 170 7.85 11.50 -9.16
N GLY B 171 8.94 12.26 -9.05
CA GLY B 171 8.88 13.65 -8.61
C GLY B 171 9.34 13.94 -7.20
N GLU B 172 9.60 12.89 -6.42
CA GLU B 172 10.12 13.07 -5.07
C GLU B 172 11.60 13.44 -5.11
N LEU B 173 12.08 14.12 -4.07
CA LEU B 173 13.50 14.42 -3.93
C LEU B 173 14.16 13.41 -3.01
N HIS B 174 15.10 12.66 -3.56
CA HIS B 174 15.81 11.63 -2.81
C HIS B 174 17.14 12.17 -2.30
N ILE B 175 17.45 11.91 -1.03
CA ILE B 175 18.72 12.35 -0.43
C ILE B 175 19.47 11.16 0.18
N ARG B 176 20.63 10.86 -0.38
CA ARG B 176 21.50 9.80 0.14
C ARG B 176 22.12 10.18 1.49
N GLU B 177 22.21 9.19 2.38
CA GLU B 177 23.04 9.25 3.59
C GLU B 177 22.95 10.60 4.30
N VAL B 178 21.81 10.87 4.90
CA VAL B 178 21.55 12.14 5.55
C VAL B 178 22.54 12.45 6.69
N GLY B 179 22.89 13.72 6.81
CA GLY B 179 23.83 14.17 7.82
C GLY B 179 23.42 15.55 8.30
N PRO B 180 24.07 16.05 9.35
CA PRO B 180 23.67 17.31 9.99
C PRO B 180 23.48 18.47 9.02
N GLU B 181 24.34 18.56 8.00
CA GLU B 181 24.25 19.63 7.00
C GLU B 181 22.92 19.58 6.24
N ASP B 182 22.44 18.37 5.99
CA ASP B 182 21.19 18.20 5.26
C ASP B 182 20.03 18.80 6.04
N GLY B 183 20.15 18.78 7.36
CA GLY B 183 19.14 19.37 8.23
C GLY B 183 19.25 20.89 8.39
N TYR B 184 20.23 21.50 7.75
CA TYR B 184 20.36 22.95 7.76
C TYR B 184 19.72 23.56 6.53
N LYS B 185 19.18 22.70 5.66
CA LYS B 185 18.64 23.12 4.38
C LYS B 185 17.13 22.99 4.34
N SER B 186 16.50 23.86 3.54
CA SER B 186 15.07 23.80 3.29
C SER B 186 14.84 23.25 1.89
N TYR B 187 13.70 22.57 1.73
CA TYR B 187 13.38 21.92 0.48
C TYR B 187 12.00 22.35 -0.05
N GLN B 188 12.01 22.88 -1.27
CA GLN B 188 10.83 23.48 -1.89
C GLN B 188 10.70 22.99 -3.33
N CYS B 189 9.51 22.53 -3.68
CA CYS B 189 9.28 21.97 -5.01
C CYS B 189 8.61 23.01 -5.91
N ARG B 190 8.97 22.98 -7.18
CA ARG B 190 8.27 23.74 -8.21
C ARG B 190 7.41 22.75 -8.97
N THR B 191 6.19 23.16 -9.30
CA THR B 191 5.22 22.27 -9.91
C THR B 191 4.64 22.92 -11.16
N LYS B 192 4.20 22.12 -12.13
CA LYS B 192 3.62 22.66 -13.36
C LYS B 192 2.26 22.07 -13.71
N HIS B 193 1.29 22.96 -13.89
CA HIS B 193 -0.04 22.57 -14.36
C HIS B 193 0.07 22.29 -15.85
N ARG B 194 -0.26 21.07 -16.27
CA ARG B 194 0.06 20.65 -17.63
C ARG B 194 -1.01 21.04 -18.66
N LEU B 195 -2.17 21.50 -18.20
CA LEU B 195 -3.17 22.05 -19.11
C LEU B 195 -2.83 23.49 -19.47
N THR B 196 -2.42 24.27 -18.48
CA THR B 196 -1.89 25.61 -18.71
C THR B 196 -0.38 25.53 -18.77
N GLY B 197 0.28 26.68 -18.78
CA GLY B 197 1.74 26.70 -18.67
C GLY B 197 2.18 26.90 -17.23
N GLU B 198 1.20 27.10 -16.34
CA GLU B 198 1.45 27.61 -15.00
C GLU B 198 2.46 26.81 -14.18
N THR B 199 3.46 27.50 -13.66
CA THR B 199 4.37 26.92 -12.68
C THR B 199 4.17 27.63 -11.35
N ARG B 200 4.33 26.91 -10.25
CA ARG B 200 4.18 27.50 -8.93
C ARG B 200 5.14 26.85 -7.94
N LEU B 201 5.70 27.66 -7.04
CA LEU B 201 6.47 27.13 -5.92
C LEU B 201 5.53 26.67 -4.82
N SER B 202 5.97 25.70 -4.03
CA SER B 202 5.17 25.19 -2.92
C SER B 202 4.96 26.27 -1.87
N ALA B 203 3.78 26.30 -1.28
CA ALA B 203 3.42 27.31 -0.29
C ALA B 203 4.32 27.23 0.95
N THR B 204 4.95 26.09 1.15
CA THR B 204 5.85 25.88 2.28
C THR B 204 7.13 25.17 1.87
N LYS B 205 8.17 25.36 2.67
CA LYS B 205 9.42 24.66 2.50
C LYS B 205 9.56 23.61 3.60
N GLY B 206 9.92 22.40 3.21
CA GLY B 206 10.10 21.33 4.16
C GLY B 206 11.49 21.34 4.74
N ARG B 207 11.63 20.76 5.92
CA ARG B 207 12.92 20.63 6.60
C ARG B 207 13.14 19.19 6.99
N LEU B 208 14.39 18.75 7.00
CA LEU B 208 14.75 17.45 7.56
C LEU B 208 14.99 17.59 9.05
N VAL B 209 14.34 16.72 9.84
CA VAL B 209 14.58 16.69 11.28
C VAL B 209 15.32 15.40 11.60
N ILE B 210 16.60 15.55 11.95
CA ILE B 210 17.48 14.38 12.05
C ILE B 210 17.64 13.95 13.50
N THR B 211 17.31 12.68 13.76
CA THR B 211 17.48 12.08 15.07
C THR B 211 18.83 11.40 15.17
N GLU B 212 19.56 11.68 16.24
CA GLU B 212 20.85 11.04 16.48
C GLU B 212 20.62 9.64 17.02
N PRO B 213 21.19 8.62 16.36
CA PRO B 213 20.98 7.25 16.86
C PRO B 213 21.55 7.05 18.25
N VAL B 214 20.75 6.50 19.16
CA VAL B 214 21.21 6.22 20.52
C VAL B 214 21.36 4.71 20.71
N GLY B 215 20.24 4.02 20.85
CA GLY B 215 20.22 2.58 20.89
C GLY B 215 20.06 2.02 19.49
N SER B 216 19.67 0.75 19.40
CA SER B 216 19.51 0.10 18.11
C SER B 216 18.04 -0.05 17.75
N LYS B 217 17.74 0.12 16.46
CA LYS B 217 16.38 -0.01 15.94
C LYS B 217 16.38 -0.90 14.71
N ALA B 218 15.54 -1.93 14.71
CA ALA B 218 15.33 -2.71 13.50
C ALA B 218 14.68 -1.83 12.44
N PRO B 219 14.75 -2.26 11.17
CA PRO B 219 14.11 -1.48 10.10
C PRO B 219 12.63 -1.19 10.36
N THR B 220 12.25 0.08 10.24
CA THR B 220 10.83 0.46 10.26
C THR B 220 10.51 1.24 9.00
N PHE B 221 9.33 0.96 8.47
CA PHE B 221 8.80 1.58 7.26
C PHE B 221 7.92 2.78 7.60
N ALA B 222 7.94 3.78 6.73
CA ALA B 222 7.15 4.99 6.91
C ALA B 222 5.69 4.71 7.28
N THR B 223 5.12 3.62 6.77
CA THR B 223 3.77 3.21 7.17
C THR B 223 3.75 1.72 7.51
N ALA B 224 2.65 1.27 8.10
CA ALA B 224 2.52 -0.13 8.53
C ALA B 224 2.05 -1.05 7.40
N SER B 225 1.65 -0.49 6.27
CA SER B 225 1.17 -1.30 5.14
C SER B 225 2.29 -2.12 4.53
N LYS B 226 2.05 -3.43 4.38
CA LYS B 226 3.03 -4.34 3.80
C LYS B 226 2.83 -4.56 2.30
N ILE B 227 1.85 -3.88 1.71
CA ILE B 227 1.65 -3.97 0.27
C ILE B 227 1.12 -2.67 -0.35
N SER B 228 1.56 -2.39 -1.57
CA SER B 228 1.05 -1.28 -2.35
C SER B 228 1.07 -1.69 -3.81
N SER B 229 0.40 -0.92 -4.65
CA SER B 229 0.48 -1.12 -6.10
C SER B 229 0.81 0.18 -6.77
N LEU B 230 1.34 0.09 -7.99
CA LEU B 230 1.51 1.27 -8.80
C LEU B 230 1.49 0.91 -10.27
N LEU B 231 1.15 1.91 -11.07
CA LEU B 231 1.01 1.76 -12.50
C LEU B 231 2.14 2.54 -13.18
N GLY B 232 2.56 2.06 -14.34
CA GLY B 232 3.65 2.71 -15.05
C GLY B 232 3.52 2.52 -16.55
N SER B 233 4.19 3.39 -17.29
CA SER B 233 4.12 3.40 -18.75
C SER B 233 5.39 2.79 -19.35
N SER B 234 5.23 2.12 -20.48
CA SER B 234 6.37 1.63 -21.23
C SER B 234 7.20 2.82 -21.72
N SER B 235 8.50 2.60 -21.90
CA SER B 235 9.41 3.63 -22.39
C SER B 235 9.69 4.72 -21.35
N SER B 236 8.99 4.67 -20.22
CA SER B 236 9.23 5.62 -19.13
C SER B 236 10.09 4.98 -18.05
N ASP B 237 10.43 5.77 -17.03
CA ASP B 237 11.25 5.28 -15.92
C ASP B 237 10.39 5.15 -14.67
N ILE B 238 10.25 3.91 -14.21
CA ILE B 238 9.39 3.61 -13.07
C ILE B 238 10.20 3.49 -11.79
N VAL B 239 9.67 4.09 -10.73
CA VAL B 239 10.33 4.13 -9.43
C VAL B 239 9.56 3.29 -8.42
N LEU B 240 10.25 2.36 -7.77
CA LEU B 240 9.66 1.62 -6.65
C LEU B 240 10.32 2.07 -5.35
N LEU B 241 9.55 2.79 -4.54
CA LEU B 241 10.07 3.31 -3.28
C LEU B 241 10.12 2.23 -2.23
N CYS B 242 11.20 2.21 -1.47
CA CYS B 242 11.25 1.44 -0.24
C CYS B 242 11.73 2.39 0.84
N GLN B 243 10.84 2.78 1.74
CA GLN B 243 11.16 3.84 2.70
C GLN B 243 11.29 3.23 4.06
N ALA B 244 12.54 3.14 4.50
CA ALA B 244 12.84 2.42 5.72
C ALA B 244 13.91 3.18 6.48
N GLN B 245 13.77 3.19 7.79
CA GLN B 245 14.72 3.82 8.70
C GLN B 245 15.23 2.73 9.60
N ALA B 246 16.45 2.90 10.11
CA ALA B 246 17.00 1.98 11.11
C ALA B 246 18.37 2.42 11.58
N PHE B 247 18.78 1.90 12.73
CA PHE B 247 20.16 1.97 13.14
C PHE B 247 20.54 0.62 13.74
N PRO B 248 21.72 0.09 13.40
CA PRO B 248 22.63 0.52 12.32
C PRO B 248 21.93 0.66 10.97
N VAL B 249 22.47 1.53 10.12
CA VAL B 249 21.87 1.78 8.81
C VAL B 249 21.75 0.46 8.05
N PRO B 250 20.51 0.09 7.66
CA PRO B 250 20.24 -1.23 7.07
C PRO B 250 20.67 -1.32 5.62
N TYR B 251 20.78 -2.53 5.08
CA TYR B 251 20.93 -2.73 3.64
C TYR B 251 19.62 -3.23 3.02
N THR B 252 19.39 -2.83 1.77
CA THR B 252 18.15 -3.13 1.06
C THR B 252 18.43 -4.08 -0.12
N ARG B 253 17.61 -5.11 -0.26
CA ARG B 253 17.68 -6.03 -1.39
C ARG B 253 16.31 -6.19 -2.02
N TRP B 254 16.26 -6.04 -3.34
CA TRP B 254 15.02 -6.16 -4.08
C TRP B 254 14.90 -7.53 -4.77
N TYR B 255 13.69 -8.07 -4.75
CA TYR B 255 13.38 -9.35 -5.38
C TYR B 255 12.11 -9.21 -6.20
N LYS B 256 11.86 -10.19 -7.06
CA LYS B 256 10.68 -10.22 -7.90
C LYS B 256 10.12 -11.64 -7.87
N PHE B 257 8.83 -11.75 -7.60
CA PHE B 257 8.16 -13.04 -7.54
C PHE B 257 7.98 -13.58 -8.94
N ILE B 258 8.16 -14.88 -9.11
CA ILE B 258 7.86 -15.50 -10.39
C ILE B 258 6.34 -15.52 -10.55
N GLU B 259 5.85 -14.96 -11.66
CA GLU B 259 4.41 -14.84 -11.87
C GLU B 259 3.74 -16.20 -11.79
N GLY B 260 2.73 -16.30 -10.93
CA GLY B 260 1.99 -17.54 -10.76
C GLY B 260 2.46 -18.40 -9.59
N THR B 261 3.57 -18.01 -8.97
CA THR B 261 4.11 -18.77 -7.84
C THR B 261 4.34 -17.88 -6.62
N THR B 262 4.75 -18.49 -5.51
CA THR B 262 5.13 -17.76 -4.30
C THR B 262 6.64 -17.58 -4.13
N ARG B 263 7.44 -18.11 -5.05
CA ARG B 263 8.89 -18.02 -4.88
C ARG B 263 9.43 -16.77 -5.56
N LYS B 264 10.73 -16.54 -5.42
CA LYS B 264 11.31 -15.22 -5.69
C LYS B 264 12.65 -15.35 -6.40
N GLN B 265 13.09 -14.24 -6.99
CA GLN B 265 14.41 -14.15 -7.59
C GLN B 265 14.98 -12.75 -7.32
N ALA B 266 16.29 -12.68 -7.12
CA ALA B 266 16.94 -11.39 -6.92
C ALA B 266 16.77 -10.54 -8.17
N VAL B 267 16.40 -9.28 -8.00
CA VAL B 267 16.33 -8.35 -9.11
C VAL B 267 17.74 -8.12 -9.63
N VAL B 268 17.92 -8.27 -10.94
CA VAL B 268 19.24 -8.13 -11.54
C VAL B 268 19.52 -6.67 -11.86
N LEU B 269 20.55 -6.13 -11.22
CA LEU B 269 20.93 -4.73 -11.40
C LEU B 269 21.89 -4.59 -12.56
N ASN B 270 21.63 -3.58 -13.39
CA ASN B 270 22.42 -3.31 -14.58
C ASN B 270 22.20 -1.86 -15.00
N ASP B 271 22.70 -1.49 -16.17
CA ASP B 271 22.57 -0.11 -16.64
C ASP B 271 21.12 0.31 -16.89
N ARG B 272 20.20 -0.65 -16.90
CA ARG B 272 18.77 -0.36 -17.04
C ARG B 272 18.09 -0.30 -15.67
N VAL B 273 18.12 -1.41 -14.94
CA VAL B 273 17.53 -1.49 -13.61
C VAL B 273 18.53 -1.01 -12.55
N LYS B 274 18.17 0.06 -11.86
CA LYS B 274 19.09 0.74 -10.95
C LYS B 274 18.56 0.81 -9.52
N GLN B 275 19.46 0.64 -8.55
CA GLN B 275 19.13 0.81 -7.14
C GLN B 275 19.87 2.01 -6.53
N VAL B 276 19.09 2.98 -6.05
CA VAL B 276 19.64 4.13 -5.35
C VAL B 276 19.28 4.04 -3.87
N SER B 277 20.28 3.76 -3.03
CA SER B 277 20.02 3.48 -1.63
C SER B 277 19.00 2.34 -1.56
N GLY B 278 17.80 2.63 -1.03
CA GLY B 278 16.76 1.62 -0.93
C GLY B 278 15.82 1.57 -2.13
N THR B 279 15.89 2.61 -2.98
CA THR B 279 14.93 2.81 -4.07
C THR B 279 15.33 2.10 -5.36
N LEU B 280 14.37 1.40 -5.96
CA LEU B 280 14.58 0.74 -7.25
C LEU B 280 14.04 1.62 -8.38
N ILE B 281 14.84 1.80 -9.42
CA ILE B 281 14.43 2.50 -10.63
C ILE B 281 14.56 1.58 -11.82
N ILE B 282 13.45 1.35 -12.51
CA ILE B 282 13.45 0.56 -13.73
C ILE B 282 13.37 1.50 -14.94
N LYS B 283 14.48 1.61 -15.66
CA LYS B 283 14.58 2.57 -16.76
C LYS B 283 14.09 1.96 -18.06
N ASP B 284 13.41 2.77 -18.87
CA ASP B 284 12.83 2.30 -20.12
C ASP B 284 12.04 1.03 -19.81
N ALA B 285 10.99 1.20 -19.01
CA ALA B 285 10.21 0.05 -18.55
C ALA B 285 9.55 -0.67 -19.71
N VAL B 286 9.42 -1.98 -19.59
CA VAL B 286 8.72 -2.79 -20.58
C VAL B 286 7.59 -3.54 -19.89
N VAL B 287 6.63 -4.01 -20.68
CA VAL B 287 5.47 -4.72 -20.14
C VAL B 287 5.92 -5.87 -19.26
N GLU B 288 7.02 -6.51 -19.62
CA GLU B 288 7.50 -7.67 -18.90
C GLU B 288 7.95 -7.32 -17.47
N ASP B 289 8.23 -6.04 -17.22
CA ASP B 289 8.66 -5.62 -15.89
C ASP B 289 7.52 -5.62 -14.88
N SER B 290 6.30 -5.86 -15.35
CA SER B 290 5.16 -6.00 -14.46
C SER B 290 5.36 -7.21 -13.55
N GLY B 291 4.77 -7.16 -12.37
CA GLY B 291 4.83 -8.26 -11.42
C GLY B 291 4.77 -7.78 -9.99
N LYS B 292 4.97 -8.70 -9.05
CA LYS B 292 5.03 -8.35 -7.63
C LYS B 292 6.48 -8.38 -7.18
N TYR B 293 6.91 -7.26 -6.63
CA TYR B 293 8.28 -7.09 -6.14
C TYR B 293 8.28 -7.15 -4.62
N LEU B 294 9.38 -7.62 -4.06
CA LEU B 294 9.59 -7.62 -2.61
C LEU B 294 10.83 -6.82 -2.25
N CYS B 295 10.65 -5.76 -1.46
CA CYS B 295 11.75 -5.01 -0.88
C CYS B 295 12.06 -5.57 0.48
N VAL B 296 13.28 -6.05 0.69
CA VAL B 296 13.69 -6.60 1.98
C VAL B 296 14.82 -5.77 2.59
N VAL B 297 14.60 -5.31 3.81
CA VAL B 297 15.54 -4.42 4.49
C VAL B 297 16.05 -5.06 5.78
N ASN B 298 17.38 -5.12 5.93
CA ASN B 298 18.01 -5.79 7.08
C ASN B 298 19.12 -4.98 7.77
N ASN B 299 19.18 -5.08 9.09
CA ASN B 299 20.39 -4.74 9.85
C ASN B 299 20.57 -5.79 10.94
N SER B 300 21.55 -5.59 11.81
CA SER B 300 21.90 -6.61 12.80
C SER B 300 20.83 -6.84 13.86
N VAL B 301 19.89 -5.90 13.98
CA VAL B 301 18.78 -6.04 14.94
C VAL B 301 17.65 -6.91 14.42
N GLY B 302 17.32 -6.74 13.15
CA GLY B 302 16.18 -7.40 12.57
C GLY B 302 16.02 -7.07 11.11
N GLY B 303 14.86 -7.43 10.56
CA GLY B 303 14.59 -7.20 9.16
C GLY B 303 13.11 -7.12 8.89
N GLU B 304 12.77 -6.50 7.77
CA GLU B 304 11.37 -6.34 7.37
C GLU B 304 11.26 -6.33 5.86
N SER B 305 10.06 -6.59 5.37
CA SER B 305 9.82 -6.65 3.93
C SER B 305 8.47 -6.07 3.53
N VAL B 306 8.41 -5.57 2.30
CA VAL B 306 7.23 -4.87 1.79
C VAL B 306 7.07 -5.24 0.32
N GLU B 307 5.82 -5.44 -0.10
CA GLU B 307 5.53 -5.84 -1.47
C GLU B 307 4.98 -4.68 -2.29
N THR B 308 5.37 -4.63 -3.55
CA THR B 308 4.83 -3.65 -4.49
C THR B 308 4.38 -4.37 -5.76
N VAL B 309 3.12 -4.18 -6.14
CA VAL B 309 2.60 -4.76 -7.37
C VAL B 309 2.73 -3.75 -8.49
N LEU B 310 3.60 -4.05 -9.45
CA LEU B 310 3.82 -3.15 -10.57
C LEU B 310 3.07 -3.63 -11.81
N THR B 311 2.27 -2.74 -12.37
CA THR B 311 1.70 -2.95 -13.70
C THR B 311 2.36 -1.96 -14.65
N VAL B 312 2.87 -2.47 -15.77
CA VAL B 312 3.38 -1.60 -16.82
C VAL B 312 2.42 -1.64 -18.00
N THR B 313 1.78 -0.51 -18.27
CA THR B 313 0.82 -0.38 -19.36
C THR B 313 1.53 -0.19 -20.70
N ALA B 314 0.90 -0.70 -21.75
CA ALA B 314 1.38 -0.45 -23.12
C ALA B 314 0.25 0.16 -23.93
N PRO B 315 0.57 1.11 -24.82
CA PRO B 315 -0.47 1.74 -25.64
C PRO B 315 -1.22 0.71 -26.49
N LEU B 316 -2.55 0.80 -26.50
CA LEU B 316 -3.36 -0.10 -27.31
C LEU B 316 -3.26 0.30 -28.77
N SER B 317 -2.85 -0.63 -29.61
CA SER B 317 -2.76 -0.41 -31.05
C SER B 317 -3.25 -1.66 -31.78
N ALA B 318 -4.17 -1.47 -32.72
CA ALA B 318 -4.76 -2.59 -33.43
C ALA B 318 -4.73 -2.39 -34.93
N LYS B 319 -4.50 -3.49 -35.64
CA LYS B 319 -4.63 -3.52 -37.10
C LYS B 319 -5.17 -4.89 -37.47
N ILE B 320 -6.07 -4.94 -38.45
CA ILE B 320 -6.61 -6.20 -38.92
C ILE B 320 -5.89 -6.64 -40.18
N ASP B 321 -5.58 -7.93 -40.24
CA ASP B 321 -5.29 -8.57 -41.51
C ASP B 321 -6.00 -9.93 -41.51
N PRO B 322 -6.28 -10.47 -42.71
CA PRO B 322 -6.15 -9.78 -44.00
C PRO B 322 -7.14 -8.61 -44.08
N PRO B 323 -6.65 -7.39 -44.40
CA PRO B 323 -7.52 -6.21 -44.34
C PRO B 323 -8.60 -6.08 -45.42
N THR B 324 -8.28 -6.44 -46.66
CA THR B 324 -9.18 -6.22 -47.80
C THR B 324 -9.22 -7.43 -48.73
N GLN B 325 -10.40 -8.04 -48.92
CA GLN B 325 -10.50 -9.29 -49.69
C GLN B 325 -11.64 -9.28 -50.71
N THR B 326 -11.74 -10.40 -51.44
CA THR B 326 -12.92 -10.69 -52.25
C THR B 326 -13.36 -12.13 -52.03
N VAL B 327 -14.57 -12.31 -51.49
CA VAL B 327 -15.10 -13.64 -51.19
C VAL B 327 -16.58 -13.74 -51.53
N ASP B 328 -16.95 -14.77 -52.31
CA ASP B 328 -18.33 -15.02 -52.68
C ASP B 328 -18.92 -16.05 -51.72
N PHE B 329 -20.20 -16.37 -51.86
CA PHE B 329 -20.85 -17.24 -50.87
C PHE B 329 -20.44 -18.70 -51.05
N GLY B 330 -20.46 -19.43 -49.94
CA GLY B 330 -20.03 -20.82 -49.91
C GLY B 330 -18.55 -20.95 -49.58
N ARG B 331 -17.79 -19.87 -49.77
CA ARG B 331 -16.36 -19.91 -49.51
C ARG B 331 -16.03 -19.27 -48.16
N PRO B 332 -14.74 -19.38 -47.73
CA PRO B 332 -14.27 -18.72 -46.50
C PRO B 332 -13.91 -17.25 -46.67
N ALA B 333 -14.01 -16.48 -45.59
CA ALA B 333 -13.16 -15.30 -45.42
C ALA B 333 -12.50 -15.43 -44.05
N VAL B 334 -11.59 -14.52 -43.73
CA VAL B 334 -10.93 -14.53 -42.44
C VAL B 334 -10.53 -13.13 -42.02
N PHE B 335 -10.67 -12.84 -40.73
CA PHE B 335 -10.04 -11.66 -40.13
C PHE B 335 -9.47 -12.02 -38.77
N THR B 336 -8.15 -11.84 -38.62
CA THR B 336 -7.52 -11.91 -37.31
C THR B 336 -7.20 -10.48 -36.88
N CYS B 337 -7.53 -10.19 -35.62
CA CYS B 337 -7.21 -8.88 -35.07
C CYS B 337 -5.80 -8.92 -34.49
N GLN B 338 -4.91 -8.08 -35.04
CA GLN B 338 -3.55 -8.00 -34.55
C GLN B 338 -3.40 -6.78 -33.66
N TYR B 339 -3.19 -7.01 -32.36
CA TYR B 339 -3.19 -5.93 -31.39
C TYR B 339 -2.06 -6.04 -30.36
N THR B 340 -1.53 -4.89 -29.97
CA THR B 340 -0.53 -4.80 -28.91
C THR B 340 -1.04 -3.86 -27.83
N GLY B 341 -0.78 -4.20 -26.58
CA GLY B 341 -1.03 -3.28 -25.49
C GLY B 341 -1.09 -4.00 -24.16
N ASN B 342 -1.08 -3.23 -23.08
CA ASN B 342 -1.28 -3.81 -21.77
C ASN B 342 -2.06 -2.89 -20.81
N PRO B 343 -2.97 -3.47 -19.99
CA PRO B 343 -3.48 -4.83 -20.14
C PRO B 343 -4.52 -4.89 -21.25
N ILE B 344 -5.00 -6.07 -21.59
CA ILE B 344 -6.17 -6.21 -22.45
C ILE B 344 -7.29 -6.88 -21.66
N LYS B 345 -8.31 -6.11 -21.28
CA LYS B 345 -9.45 -6.67 -20.58
C LYS B 345 -10.50 -7.27 -21.52
N THR B 346 -10.78 -6.59 -22.63
CA THR B 346 -11.84 -6.99 -23.54
C THR B 346 -11.44 -6.92 -25.01
N VAL B 347 -12.06 -7.78 -25.82
CA VAL B 347 -11.91 -7.76 -27.28
C VAL B 347 -13.31 -7.84 -27.90
N SER B 348 -13.70 -6.82 -28.65
CA SER B 348 -15.02 -6.77 -29.25
C SER B 348 -14.94 -6.56 -30.76
N TRP B 349 -15.92 -7.09 -31.49
CA TRP B 349 -16.00 -6.91 -32.93
C TRP B 349 -17.26 -6.17 -33.32
N MET B 350 -17.16 -5.38 -34.39
CA MET B 350 -18.23 -4.49 -34.80
C MET B 350 -18.36 -4.47 -36.33
N LYS B 351 -19.58 -4.62 -36.81
CA LYS B 351 -19.85 -4.67 -38.25
C LYS B 351 -20.65 -3.46 -38.71
N ASP B 352 -20.00 -2.59 -39.48
CA ASP B 352 -20.60 -1.34 -39.93
C ASP B 352 -21.21 -0.53 -38.78
N GLY B 353 -20.47 -0.44 -37.67
CA GLY B 353 -20.84 0.40 -36.55
C GLY B 353 -21.77 -0.26 -35.54
N LYS B 354 -22.11 -1.52 -35.78
CA LYS B 354 -23.04 -2.23 -34.92
C LYS B 354 -22.34 -3.35 -34.17
N ALA B 355 -22.34 -3.26 -32.84
CA ALA B 355 -21.70 -4.27 -32.00
C ALA B 355 -22.35 -5.64 -32.19
N ILE B 356 -21.53 -6.66 -32.40
CA ILE B 356 -22.02 -8.02 -32.64
C ILE B 356 -21.90 -8.89 -31.38
N GLY B 357 -22.22 -10.16 -31.50
CA GLY B 357 -22.40 -11.04 -30.35
C GLY B 357 -21.28 -11.99 -29.97
N HIS B 358 -20.04 -11.73 -30.38
CA HIS B 358 -18.93 -12.56 -29.93
C HIS B 358 -17.62 -11.80 -29.71
N SER B 359 -16.94 -12.16 -28.63
CA SER B 359 -15.68 -11.55 -28.25
C SER B 359 -14.53 -12.55 -28.36
N GLU B 360 -13.68 -12.36 -29.37
CA GLU B 360 -12.54 -13.23 -29.64
C GLU B 360 -11.78 -12.68 -30.85
N PRO B 361 -10.45 -12.85 -30.87
CA PRO B 361 -9.71 -12.47 -32.08
C PRO B 361 -10.05 -13.39 -33.25
N VAL B 362 -10.58 -14.57 -32.92
CA VAL B 362 -11.01 -15.55 -33.90
C VAL B 362 -12.53 -15.54 -34.03
N LEU B 363 -13.04 -15.07 -35.17
CA LEU B 363 -14.47 -15.06 -35.44
C LEU B 363 -14.82 -15.99 -36.60
N ARG B 364 -16.05 -16.47 -36.61
CA ARG B 364 -16.45 -17.55 -37.50
C ARG B 364 -17.21 -17.04 -38.72
N ILE B 365 -16.58 -17.20 -39.88
CA ILE B 365 -17.17 -16.83 -41.17
C ILE B 365 -17.31 -18.08 -42.03
N GLU B 366 -18.56 -18.48 -42.29
CA GLU B 366 -18.83 -19.75 -42.96
C GLU B 366 -19.58 -19.56 -44.27
N SER B 367 -20.87 -19.27 -44.18
CA SER B 367 -21.71 -19.09 -45.36
C SER B 367 -22.12 -17.65 -45.49
N VAL B 368 -21.60 -16.99 -46.51
CA VAL B 368 -21.86 -15.57 -46.71
C VAL B 368 -23.11 -15.39 -47.56
N LYS B 369 -23.87 -14.35 -47.22
CA LYS B 369 -24.72 -13.67 -48.19
C LYS B 369 -24.16 -12.26 -48.18
N LYS B 370 -24.69 -11.35 -48.99
CA LYS B 370 -24.07 -10.03 -49.05
C LYS B 370 -24.67 -9.09 -48.00
N GLU B 371 -25.56 -9.64 -47.17
CA GLU B 371 -25.93 -8.95 -45.93
C GLU B 371 -24.69 -8.84 -45.03
N ASP B 372 -23.72 -9.71 -45.27
CA ASP B 372 -22.51 -9.79 -44.47
C ASP B 372 -21.38 -8.91 -45.01
N LYS B 373 -21.63 -8.17 -46.08
CA LYS B 373 -20.65 -7.23 -46.62
C LYS B 373 -20.78 -5.87 -45.93
N GLY B 374 -19.64 -5.28 -45.63
CA GLY B 374 -19.56 -3.95 -45.07
C GLY B 374 -18.12 -3.71 -44.71
N MET B 375 -17.88 -2.76 -43.81
CA MET B 375 -16.55 -2.58 -43.26
C MET B 375 -16.54 -3.07 -41.83
N TYR B 376 -15.54 -3.90 -41.52
CA TYR B 376 -15.44 -4.61 -40.26
C TYR B 376 -14.47 -3.92 -39.33
N GLN B 377 -14.75 -3.98 -38.03
CA GLN B 377 -13.90 -3.34 -37.04
C GLN B 377 -13.65 -4.23 -35.83
N CYS B 378 -12.40 -4.20 -35.36
CA CYS B 378 -11.96 -4.99 -34.21
C CYS B 378 -11.59 -4.04 -33.08
N PHE B 379 -12.21 -4.21 -31.93
CA PHE B 379 -12.01 -3.30 -30.80
C PHE B 379 -11.29 -3.94 -29.63
N VAL B 380 -10.21 -3.30 -29.20
CA VAL B 380 -9.42 -3.72 -28.04
C VAL B 380 -9.49 -2.61 -26.99
N ARG B 381 -9.76 -2.97 -25.74
CA ARG B 381 -10.08 -1.98 -24.73
C ARG B 381 -9.67 -2.38 -23.30
N ASN B 382 -9.27 -1.37 -22.52
CA ASN B 382 -9.02 -1.53 -21.09
C ASN B 382 -9.64 -0.35 -20.31
N ASP B 383 -9.40 -0.31 -19.01
CA ASP B 383 -10.03 0.68 -18.14
C ASP B 383 -9.76 2.13 -18.57
N GLN B 384 -8.68 2.35 -19.29
CA GLN B 384 -8.23 3.70 -19.64
C GLN B 384 -8.50 4.03 -21.11
N GLU B 385 -7.87 3.26 -21.99
CA GLU B 385 -7.88 3.55 -23.42
C GLU B 385 -8.51 2.44 -24.25
N SER B 386 -8.91 2.79 -25.47
CA SER B 386 -9.37 1.81 -26.45
C SER B 386 -8.61 1.98 -27.76
N ALA B 387 -8.51 0.90 -28.54
CA ALA B 387 -7.87 0.94 -29.84
C ALA B 387 -8.72 0.20 -30.86
N GLU B 388 -8.77 0.75 -32.07
CA GLU B 388 -9.65 0.25 -33.11
C GLU B 388 -8.91 0.03 -34.43
N ALA B 389 -9.29 -1.03 -35.12
CA ALA B 389 -8.78 -1.33 -36.46
C ALA B 389 -9.95 -1.58 -37.40
N SER B 390 -9.83 -1.09 -38.64
CA SER B 390 -10.91 -1.21 -39.62
C SER B 390 -10.48 -2.04 -40.83
N ALA B 391 -11.32 -3.00 -41.20
CA ALA B 391 -11.08 -3.83 -42.39
C ALA B 391 -12.24 -3.68 -43.37
N GLU B 392 -12.13 -4.35 -44.52
CA GLU B 392 -13.11 -4.24 -45.59
C GLU B 392 -13.25 -5.58 -46.32
N LEU B 393 -14.48 -5.96 -46.65
CA LEU B 393 -14.70 -7.16 -47.45
C LEU B 393 -15.57 -6.84 -48.65
N LYS B 394 -15.00 -6.93 -49.83
CA LYS B 394 -15.67 -6.56 -51.08
C LYS B 394 -16.12 -7.83 -51.80
N LEU B 395 -17.23 -7.74 -52.50
CA LEU B 395 -17.72 -8.88 -53.29
C LEU B 395 -18.21 -8.42 -54.66
#